data_7VT1
#
_entry.id   7VT1
#
_cell.length_a   65.175
_cell.length_b   102.565
_cell.length_c   134.227
_cell.angle_alpha   90.000
_cell.angle_beta   90.000
_cell.angle_gamma   90.000
#
_symmetry.space_group_name_H-M   'P 21 21 21'
#
loop_
_entity.id
_entity.type
_entity.pdbx_description
1 polymer 'Type I modular polyketide synthase'
2 water water
#
_entity_poly.entity_id   1
_entity_poly.type   'polypeptide(L)'
_entity_poly.pdbx_seq_one_letter_code
;MGSSHHHHHHSSGLVPRGSHMDAPALAEVLAPTVPWPLSGKNPGALQGQAARLAAHLAEDHDLSLSDLGLSLATTRARLE
HRAVVVLGSREEALGGLGALGEQMPAGNVVTGAADLSGKTVFVFPGQGSQWAGMAVELLDSSPVFAARFAEVAGAVEAYV
DWSVESVVRGADEAPSLDRIEILQPVLFTVMVSLAALWRAAGVVPDAVVGHSQGEIAAAAVSGALSLGDAAQVVVLRSQL
FADELVGKGAVASVSLPAAEVEARIARFNGDAELLSIAGNNGPRSVTVAGQVAALEELVAELEAEGVRAKVIGSTVASHC
AQVDPLHERILDLLSFVQPREGSVPLYSTVNGEVLNGAELDASYWFENCRRPVSFEPVVRALFADGFDVFVESSAHPVLT
YGISETAEAAGREVLAQGTLRREEGGLARFYSSLAGVWTRGVDVDWAGAFAGRGARVVDLPTYAFQ
;
_entity_poly.pdbx_strand_id   A,B
#
# COMPACT_ATOMS: atom_id res chain seq x y z
N ALA A 23 -18.49 3.40 -0.58
CA ALA A 23 -19.60 3.34 0.41
C ALA A 23 -19.80 1.90 0.88
N PRO A 24 -20.22 0.95 -0.01
CA PRO A 24 -20.78 -0.34 0.43
C PRO A 24 -19.82 -1.08 1.36
N ALA A 25 -20.34 -1.57 2.49
CA ALA A 25 -19.56 -2.22 3.57
C ALA A 25 -19.24 -3.67 3.23
N LEU A 26 -18.28 -4.28 3.93
CA LEU A 26 -18.09 -5.76 3.92
C LEU A 26 -19.46 -6.42 4.11
N ALA A 27 -20.28 -5.92 5.04
CA ALA A 27 -21.31 -6.71 5.77
C ALA A 27 -22.62 -5.92 5.91
N GLU A 28 -23.74 -6.57 5.63
CA GLU A 28 -25.08 -6.07 6.02
C GLU A 28 -25.09 -5.84 7.53
N VAL A 29 -25.67 -4.73 7.94
CA VAL A 29 -25.68 -4.24 9.35
C VAL A 29 -26.39 -5.29 10.22
N LEU A 30 -27.24 -6.13 9.63
CA LEU A 30 -28.14 -7.04 10.38
C LEU A 30 -27.62 -8.47 10.28
N ALA A 31 -26.59 -8.71 9.46
CA ALA A 31 -25.85 -9.99 9.45
C ALA A 31 -25.18 -10.18 10.81
N PRO A 32 -25.30 -11.35 11.48
CA PRO A 32 -24.77 -11.51 12.84
C PRO A 32 -23.31 -11.95 12.90
N THR A 33 -22.78 -12.45 11.79
CA THR A 33 -21.39 -12.97 11.81
C THR A 33 -20.42 -11.80 11.96
N VAL A 34 -19.59 -11.80 13.01
CA VAL A 34 -18.59 -10.72 13.24
C VAL A 34 -17.26 -11.37 13.63
N PRO A 35 -16.11 -10.75 13.29
CA PRO A 35 -14.81 -11.28 13.66
C PRO A 35 -14.13 -10.55 14.84
N TRP A 36 -13.66 -11.30 15.83
CA TRP A 36 -12.94 -10.68 16.97
C TRP A 36 -11.44 -11.01 16.86
N PRO A 37 -10.56 -10.04 16.54
CA PRO A 37 -9.13 -10.28 16.45
C PRO A 37 -8.36 -10.06 17.76
N LEU A 38 -7.48 -11.00 18.11
CA LEU A 38 -6.66 -10.90 19.35
C LEU A 38 -5.19 -11.12 19.00
N SER A 39 -4.28 -10.39 19.65
CA SER A 39 -2.83 -10.52 19.34
C SER A 39 -1.99 -10.56 20.62
N GLY A 40 -0.87 -11.30 20.60
CA GLY A 40 0.05 -11.37 21.74
C GLY A 40 1.48 -11.55 21.27
N LYS A 41 2.48 -11.18 22.08
CA LYS A 41 3.90 -11.42 21.70
C LYS A 41 4.59 -12.19 22.82
N ASN A 42 4.17 -11.98 24.07
CA ASN A 42 4.77 -12.65 25.25
C ASN A 42 4.14 -14.03 25.45
N PRO A 43 4.81 -14.92 26.21
CA PRO A 43 4.28 -16.26 26.50
C PRO A 43 2.93 -16.27 27.24
N GLY A 44 1.95 -17.02 26.70
CA GLY A 44 0.60 -17.19 27.25
C GLY A 44 -0.21 -15.89 27.26
N ALA A 45 0.19 -14.87 26.50
CA ALA A 45 -0.42 -13.52 26.52
C ALA A 45 -1.72 -13.53 25.73
N LEU A 46 -1.69 -14.16 24.55
CA LEU A 46 -2.91 -14.36 23.72
C LEU A 46 -3.95 -15.16 24.50
N GLN A 47 -3.52 -16.23 25.16
CA GLN A 47 -4.37 -17.21 25.85
C GLN A 47 -4.95 -16.54 27.09
N GLY A 48 -4.12 -15.77 27.81
CA GLY A 48 -4.51 -15.07 29.04
C GLY A 48 -5.53 -13.99 28.75
N GLN A 49 -5.32 -13.26 27.64
CA GLN A 49 -6.20 -12.16 27.19
C GLN A 49 -7.55 -12.76 26.78
N ALA A 50 -7.54 -13.91 26.12
CA ALA A 50 -8.76 -14.67 25.77
C ALA A 50 -9.46 -15.18 27.05
N ALA A 51 -8.74 -15.83 27.95
CA ALA A 51 -9.32 -16.39 29.19
C ALA A 51 -10.04 -15.28 29.95
N ARG A 52 -9.35 -14.16 30.17
CA ARG A 52 -9.92 -13.05 30.97
C ARG A 52 -11.15 -12.46 30.27
N LEU A 53 -11.08 -12.27 28.96
CA LEU A 53 -12.21 -11.63 28.22
C LEU A 53 -13.45 -12.52 28.32
N ALA A 54 -13.28 -13.84 28.19
CA ALA A 54 -14.43 -14.77 28.29
C ALA A 54 -15.04 -14.70 29.69
N ALA A 55 -14.21 -14.67 30.72
CA ALA A 55 -14.72 -14.57 32.11
C ALA A 55 -15.42 -13.23 32.28
N HIS A 56 -14.82 -12.15 31.77
CA HIS A 56 -15.41 -10.79 31.90
C HIS A 56 -16.75 -10.74 31.17
N LEU A 57 -16.83 -11.30 29.97
CA LEU A 57 -18.08 -11.21 29.17
C LEU A 57 -19.23 -11.81 29.99
N ALA A 58 -19.03 -13.03 30.52
CA ALA A 58 -20.07 -13.69 31.32
C ALA A 58 -20.37 -12.89 32.62
N GLU A 59 -19.33 -12.46 33.32
CA GLU A 59 -19.51 -11.74 34.62
C GLU A 59 -20.08 -10.32 34.47
N ASP A 60 -19.63 -9.54 33.48
CA ASP A 60 -20.04 -8.11 33.40
C ASP A 60 -21.54 -7.91 33.21
N HIS A 61 -22.16 -8.66 32.29
CA HIS A 61 -23.63 -8.55 32.02
C HIS A 61 -24.06 -7.10 31.74
N ASP A 62 -23.25 -6.33 31.01
CA ASP A 62 -23.63 -4.94 30.62
C ASP A 62 -22.85 -4.54 29.37
N LEU A 63 -21.54 -4.84 29.33
CA LEU A 63 -20.70 -4.57 28.14
C LEU A 63 -21.39 -5.12 26.87
N SER A 64 -21.58 -4.26 25.86
CA SER A 64 -22.25 -4.71 24.60
C SER A 64 -21.32 -5.64 23.80
N LEU A 65 -21.88 -6.67 23.18
CA LEU A 65 -21.08 -7.59 22.33
C LEU A 65 -20.53 -6.79 21.14
N SER A 66 -21.35 -5.93 20.54
CA SER A 66 -20.93 -5.12 19.38
C SER A 66 -19.80 -4.16 19.76
N ASP A 67 -19.92 -3.53 20.93
CA ASP A 67 -18.87 -2.57 21.40
C ASP A 67 -17.55 -3.31 21.61
N LEU A 68 -17.59 -4.50 22.22
CA LEU A 68 -16.37 -5.30 22.48
C LEU A 68 -15.75 -5.67 21.14
N GLY A 69 -16.57 -6.09 20.17
CA GLY A 69 -16.09 -6.40 18.81
C GLY A 69 -15.34 -5.25 18.19
N LEU A 70 -15.97 -4.09 18.04
CA LEU A 70 -15.35 -2.94 17.34
C LEU A 70 -14.07 -2.56 18.10
N SER A 71 -14.10 -2.71 19.42
CA SER A 71 -12.96 -2.40 20.30
C SER A 71 -11.77 -3.29 19.95
N LEU A 72 -12.03 -4.61 19.91
CA LEU A 72 -11.00 -5.64 19.57
C LEU A 72 -10.53 -5.42 18.14
N ALA A 73 -11.43 -5.03 17.24
CA ALA A 73 -11.17 -4.81 15.81
C ALA A 73 -10.29 -3.56 15.57
N THR A 74 -10.38 -2.53 16.42
CA THR A 74 -9.70 -1.24 16.17
C THR A 74 -8.30 -1.26 16.82
N THR A 75 -8.13 -1.93 17.97
CA THR A 75 -6.81 -2.24 18.59
C THR A 75 -6.05 -3.27 17.74
N GLU A 80 2.38 -10.50 17.26
CA GLU A 80 3.16 -11.60 16.63
C GLU A 80 2.41 -12.95 16.69
N HIS A 81 1.78 -13.31 17.80
CA HIS A 81 0.86 -14.48 17.87
C HIS A 81 -0.59 -14.02 17.82
N ARG A 82 -1.38 -14.62 16.93
CA ARG A 82 -2.69 -14.05 16.57
C ARG A 82 -3.81 -15.10 16.59
N ALA A 83 -5.04 -14.62 16.68
CA ALA A 83 -6.25 -15.45 16.65
C ALA A 83 -7.43 -14.55 16.28
N VAL A 84 -8.37 -15.13 15.57
CA VAL A 84 -9.69 -14.49 15.34
C VAL A 84 -10.78 -15.48 15.73
N VAL A 85 -11.65 -15.07 16.64
CA VAL A 85 -12.95 -15.73 16.89
C VAL A 85 -13.94 -15.24 15.84
N VAL A 86 -14.51 -16.17 15.09
CA VAL A 86 -15.62 -15.87 14.14
C VAL A 86 -16.92 -16.34 14.78
N LEU A 87 -17.83 -15.40 15.05
CA LEU A 87 -19.02 -15.66 15.90
C LEU A 87 -20.26 -14.95 15.32
N GLY A 88 -21.43 -15.55 15.57
CA GLY A 88 -22.76 -15.02 15.23
C GLY A 88 -23.59 -14.72 16.46
N SER A 89 -23.01 -14.84 17.67
CA SER A 89 -23.73 -14.99 18.95
C SER A 89 -22.76 -14.92 20.12
N ARG A 90 -23.24 -14.46 21.28
CA ARG A 90 -22.49 -14.36 22.56
C ARG A 90 -21.96 -15.74 22.93
N GLU A 91 -22.80 -16.75 22.78
CA GLU A 91 -22.49 -18.18 23.05
C GLU A 91 -21.24 -18.56 22.26
N GLU A 92 -21.22 -18.29 20.96
CA GLU A 92 -20.08 -18.65 20.07
C GLU A 92 -18.83 -17.84 20.48
N ALA A 93 -19.04 -16.62 20.98
CA ALA A 93 -17.94 -15.77 21.48
C ALA A 93 -17.32 -16.41 22.72
N LEU A 94 -18.12 -16.82 23.69
CA LEU A 94 -17.65 -17.47 24.93
C LEU A 94 -17.02 -18.82 24.56
N GLY A 95 -17.64 -19.58 23.67
CA GLY A 95 -17.10 -20.88 23.24
C GLY A 95 -15.72 -20.73 22.60
N GLY A 96 -15.52 -19.68 21.80
CA GLY A 96 -14.24 -19.42 21.11
C GLY A 96 -13.18 -18.90 22.06
N LEU A 97 -13.47 -17.84 22.82
CA LEU A 97 -12.48 -17.26 23.76
C LEU A 97 -12.15 -18.32 24.83
N GLY A 98 -13.19 -19.01 25.33
CA GLY A 98 -13.08 -20.11 26.30
C GLY A 98 -12.07 -21.13 25.84
N ALA A 99 -12.17 -21.52 24.58
CA ALA A 99 -11.34 -22.56 23.96
C ALA A 99 -9.91 -22.01 23.83
N LEU A 100 -9.77 -20.81 23.26
CA LEU A 100 -8.45 -20.15 23.06
C LEU A 100 -7.79 -20.00 24.43
N GLY A 101 -8.61 -19.71 25.46
CA GLY A 101 -8.19 -19.56 26.87
C GLY A 101 -7.57 -20.83 27.42
N GLU A 102 -7.99 -22.01 26.95
CA GLU A 102 -7.55 -23.32 27.50
C GLU A 102 -6.70 -24.06 26.47
N GLN A 103 -6.17 -23.33 25.48
CA GLN A 103 -5.33 -23.86 24.36
C GLN A 103 -6.00 -25.07 23.72
N MET A 104 -7.33 -25.13 23.72
CA MET A 104 -8.09 -26.17 22.96
C MET A 104 -8.43 -25.61 21.57
N PRO A 105 -8.18 -26.38 20.51
CA PRO A 105 -8.58 -25.94 19.17
C PRO A 105 -10.11 -25.94 19.00
N ALA A 106 -10.62 -25.06 18.12
CA ALA A 106 -12.05 -24.95 17.76
C ALA A 106 -12.19 -24.49 16.31
N GLY A 107 -13.29 -24.88 15.69
CA GLY A 107 -13.51 -24.67 14.24
C GLY A 107 -13.68 -23.20 13.93
N ASN A 108 -13.97 -22.38 14.93
CA ASN A 108 -14.36 -20.96 14.74
C ASN A 108 -13.28 -20.06 15.37
N VAL A 109 -12.14 -20.63 15.75
CA VAL A 109 -11.00 -19.84 16.27
C VAL A 109 -9.78 -20.10 15.41
N VAL A 110 -9.46 -19.14 14.57
CA VAL A 110 -8.36 -19.27 13.59
C VAL A 110 -7.12 -18.71 14.26
N THR A 111 -6.06 -19.50 14.28
CA THR A 111 -4.84 -19.23 15.06
C THR A 111 -3.70 -19.15 14.06
N GLY A 112 -2.64 -18.43 14.39
CA GLY A 112 -1.37 -18.49 13.63
C GLY A 112 -0.31 -17.62 14.26
N ALA A 113 0.91 -17.73 13.75
CA ALA A 113 2.06 -16.84 14.00
C ALA A 113 2.17 -15.88 12.82
N ALA A 114 2.48 -14.60 13.08
CA ALA A 114 2.61 -13.54 12.06
C ALA A 114 4.04 -13.51 11.52
N ASP A 115 4.46 -14.58 10.84
CA ASP A 115 5.89 -14.69 10.41
C ASP A 115 6.06 -14.59 8.89
N LEU A 116 5.14 -13.93 8.19
CA LEU A 116 5.24 -13.88 6.71
C LEU A 116 5.43 -12.43 6.25
N SER A 117 6.19 -12.24 5.16
CA SER A 117 6.46 -10.88 4.61
C SER A 117 5.14 -10.23 4.21
N GLY A 118 4.21 -11.02 3.67
CA GLY A 118 2.91 -10.48 3.25
C GLY A 118 2.87 -10.11 1.78
N LYS A 119 3.93 -10.40 1.00
CA LYS A 119 3.79 -10.14 -0.45
C LYS A 119 2.68 -11.07 -0.90
N THR A 120 1.66 -10.55 -1.58
CA THR A 120 0.48 -11.40 -1.86
C THR A 120 0.18 -11.56 -3.35
N VAL A 121 -0.18 -12.77 -3.77
CA VAL A 121 -0.63 -12.99 -5.16
C VAL A 121 -2.04 -13.57 -5.12
N PHE A 122 -2.94 -13.05 -5.93
CA PHE A 122 -4.31 -13.63 -6.08
C PHE A 122 -4.27 -14.64 -7.21
N VAL A 123 -4.72 -15.86 -6.89
CA VAL A 123 -4.77 -17.03 -7.79
C VAL A 123 -6.22 -17.20 -8.29
N PHE A 124 -6.40 -17.21 -9.61
CA PHE A 124 -7.72 -17.36 -10.28
C PHE A 124 -7.74 -18.70 -11.00
N PRO A 125 -8.36 -19.74 -10.41
CA PRO A 125 -8.38 -21.08 -11.01
C PRO A 125 -9.36 -21.16 -12.19
N GLY A 126 -9.40 -22.32 -12.85
CA GLY A 126 -10.42 -22.69 -13.85
C GLY A 126 -11.60 -23.40 -13.24
N GLN A 127 -12.35 -24.15 -14.05
CA GLN A 127 -13.52 -24.96 -13.59
C GLN A 127 -13.08 -25.91 -12.46
N GLY A 128 -14.04 -26.36 -11.66
CA GLY A 128 -13.82 -27.24 -10.49
C GLY A 128 -14.36 -26.62 -9.20
N SER A 129 -14.46 -25.28 -9.17
CA SER A 129 -14.76 -24.45 -7.98
C SER A 129 -16.26 -24.53 -7.68
N GLN A 130 -17.08 -24.80 -8.69
CA GLN A 130 -18.52 -24.42 -8.66
C GLN A 130 -19.29 -25.33 -7.70
N TRP A 131 -20.30 -24.76 -7.04
CA TRP A 131 -21.41 -25.48 -6.39
C TRP A 131 -22.68 -24.61 -6.44
N ALA A 132 -23.85 -25.19 -6.09
CA ALA A 132 -25.18 -24.77 -6.57
C ALA A 132 -25.64 -23.45 -5.90
N GLY A 133 -25.31 -23.19 -4.65
CA GLY A 133 -25.71 -21.93 -3.98
C GLY A 133 -24.58 -20.91 -3.83
N MET A 134 -23.53 -20.99 -4.64
CA MET A 134 -22.21 -20.45 -4.24
C MET A 134 -22.30 -18.94 -3.95
N ALA A 135 -22.86 -18.11 -4.82
CA ALA A 135 -22.65 -16.66 -4.57
C ALA A 135 -23.76 -16.11 -3.67
N VAL A 136 -24.73 -16.95 -3.31
CA VAL A 136 -26.05 -16.48 -2.83
C VAL A 136 -25.85 -15.77 -1.49
N GLU A 137 -25.19 -16.42 -0.54
CA GLU A 137 -25.01 -15.90 0.83
C GLU A 137 -24.37 -14.52 0.79
N LEU A 138 -23.35 -14.33 -0.05
CA LEU A 138 -22.55 -13.07 -0.07
C LEU A 138 -23.35 -11.96 -0.75
N LEU A 139 -24.09 -12.26 -1.82
CA LEU A 139 -25.09 -11.31 -2.37
C LEU A 139 -25.98 -10.76 -1.24
N ASP A 140 -26.51 -11.64 -0.37
CA ASP A 140 -27.57 -11.27 0.60
C ASP A 140 -26.94 -10.57 1.81
N SER A 141 -25.64 -10.80 2.09
CA SER A 141 -25.07 -10.36 3.39
C SER A 141 -23.81 -9.48 3.22
N SER A 142 -23.28 -9.31 2.00
CA SER A 142 -22.13 -8.39 1.77
C SER A 142 -22.47 -7.40 0.67
N PRO A 143 -22.74 -6.14 1.03
CA PRO A 143 -22.97 -5.08 0.06
C PRO A 143 -21.84 -4.96 -0.97
N VAL A 144 -20.59 -4.98 -0.50
CA VAL A 144 -19.40 -4.77 -1.37
C VAL A 144 -19.42 -5.83 -2.47
N PHE A 145 -19.65 -7.08 -2.09
CA PHE A 145 -19.70 -8.23 -3.00
C PHE A 145 -20.85 -8.04 -3.99
N ALA A 146 -21.99 -7.58 -3.48
CA ALA A 146 -23.24 -7.41 -4.28
C ALA A 146 -23.02 -6.32 -5.32
N ALA A 147 -22.35 -5.22 -4.96
CA ALA A 147 -22.16 -4.08 -5.88
C ALA A 147 -21.16 -4.48 -6.96
N ARG A 148 -20.12 -5.23 -6.59
CA ARG A 148 -19.12 -5.72 -7.58
C ARG A 148 -19.77 -6.76 -8.48
N PHE A 149 -20.53 -7.67 -7.87
CA PHE A 149 -21.23 -8.72 -8.64
C PHE A 149 -22.08 -8.06 -9.74
N ALA A 150 -22.93 -7.09 -9.39
CA ALA A 150 -23.78 -6.35 -10.36
C ALA A 150 -22.88 -5.75 -11.46
N GLU A 151 -21.83 -5.05 -11.07
CA GLU A 151 -20.98 -4.30 -12.02
C GLU A 151 -20.41 -5.30 -13.03
N VAL A 152 -20.00 -6.49 -12.59
CA VAL A 152 -19.34 -7.50 -13.47
C VAL A 152 -20.41 -8.29 -14.24
N ALA A 153 -21.48 -8.74 -13.58
CA ALA A 153 -22.68 -9.28 -14.25
C ALA A 153 -23.13 -8.35 -15.38
N GLY A 154 -23.10 -7.02 -15.18
CA GLY A 154 -23.58 -6.04 -16.16
C GLY A 154 -22.75 -6.07 -17.43
N ALA A 155 -21.44 -6.23 -17.30
CA ALA A 155 -20.48 -6.38 -18.41
C ALA A 155 -20.78 -7.66 -19.21
N VAL A 156 -20.90 -8.82 -18.55
CA VAL A 156 -21.14 -10.11 -19.28
C VAL A 156 -22.51 -10.04 -19.94
N GLU A 157 -23.50 -9.45 -19.27
CA GLU A 157 -24.92 -9.45 -19.72
C GLU A 157 -25.09 -8.61 -21.00
N ALA A 158 -24.09 -7.79 -21.34
CA ALA A 158 -24.05 -7.04 -22.60
C ALA A 158 -23.88 -8.01 -23.77
N TYR A 159 -23.39 -9.22 -23.49
CA TYR A 159 -22.98 -10.22 -24.52
C TYR A 159 -23.82 -11.51 -24.42
N VAL A 160 -24.99 -11.43 -23.79
CA VAL A 160 -25.75 -12.63 -23.29
C VAL A 160 -27.17 -12.18 -22.90
N ASP A 161 -28.14 -13.07 -23.06
CA ASP A 161 -29.60 -12.78 -22.97
C ASP A 161 -30.09 -13.02 -21.54
N TRP A 162 -29.32 -13.79 -20.76
CA TRP A 162 -29.73 -14.33 -19.43
C TRP A 162 -29.07 -13.51 -18.32
N SER A 163 -29.57 -13.64 -17.09
CA SER A 163 -29.12 -12.86 -15.90
C SER A 163 -28.22 -13.75 -15.04
N VAL A 164 -26.99 -13.30 -14.80
CA VAL A 164 -25.99 -14.07 -14.01
C VAL A 164 -26.61 -14.35 -12.65
N GLU A 165 -27.24 -13.34 -12.04
CA GLU A 165 -27.69 -13.35 -10.63
C GLU A 165 -28.79 -14.40 -10.47
N SER A 166 -29.67 -14.51 -11.48
CA SER A 166 -30.78 -15.49 -11.44
C SER A 166 -30.22 -16.92 -11.54
N VAL A 167 -29.21 -17.13 -12.38
CA VAL A 167 -28.58 -18.48 -12.51
C VAL A 167 -27.94 -18.86 -11.17
N VAL A 168 -27.28 -17.90 -10.51
CA VAL A 168 -26.62 -18.15 -9.20
C VAL A 168 -27.71 -18.51 -8.17
N ARG A 169 -28.86 -17.85 -8.24
CA ARG A 169 -29.95 -18.08 -7.26
C ARG A 169 -30.83 -19.24 -7.73
N GLY A 170 -30.45 -19.88 -8.85
CA GLY A 170 -31.22 -21.04 -9.37
C GLY A 170 -32.65 -20.69 -9.76
N ALA A 171 -32.86 -19.52 -10.37
CA ALA A 171 -34.21 -19.17 -10.88
C ALA A 171 -34.73 -20.31 -11.77
N ASP A 172 -36.02 -20.61 -11.69
CA ASP A 172 -36.59 -21.76 -12.44
C ASP A 172 -36.28 -21.64 -13.93
N GLU A 173 -36.46 -20.43 -14.47
CA GLU A 173 -36.49 -20.18 -15.94
C GLU A 173 -35.06 -19.87 -16.43
N ALA A 174 -34.11 -19.62 -15.53
CA ALA A 174 -32.70 -19.33 -15.89
C ALA A 174 -31.99 -20.64 -16.27
N PRO A 175 -30.95 -20.58 -17.13
CA PRO A 175 -30.19 -21.76 -17.54
C PRO A 175 -29.43 -22.40 -16.37
N SER A 176 -28.90 -23.62 -16.58
CA SER A 176 -28.16 -24.43 -15.56
C SER A 176 -26.65 -24.14 -15.64
N LEU A 177 -25.90 -24.41 -14.56
CA LEU A 177 -24.42 -24.24 -14.48
C LEU A 177 -23.71 -25.43 -15.16
N ASP A 178 -24.42 -26.54 -15.38
CA ASP A 178 -23.87 -27.72 -16.07
C ASP A 178 -23.33 -27.28 -17.44
N ARG A 179 -23.98 -26.28 -18.04
CA ARG A 179 -23.70 -25.83 -19.43
C ARG A 179 -22.42 -24.97 -19.40
N ILE A 180 -21.38 -25.38 -20.13
CA ILE A 180 -20.08 -24.68 -20.05
C ILE A 180 -20.27 -23.18 -20.33
N GLU A 181 -21.08 -22.83 -21.32
CA GLU A 181 -21.21 -21.44 -21.84
C GLU A 181 -21.86 -20.55 -20.79
N ILE A 182 -22.47 -21.17 -19.76
CA ILE A 182 -23.08 -20.44 -18.61
C ILE A 182 -22.13 -20.50 -17.40
N LEU A 183 -21.47 -21.64 -17.18
CA LEU A 183 -20.54 -21.83 -16.05
C LEU A 183 -19.42 -20.80 -16.14
N GLN A 184 -18.70 -20.70 -17.26
CA GLN A 184 -17.45 -19.90 -17.33
C GLN A 184 -17.76 -18.44 -17.01
N PRO A 185 -18.75 -17.77 -17.65
CA PRO A 185 -19.06 -16.38 -17.31
C PRO A 185 -19.52 -16.22 -15.84
N VAL A 186 -20.29 -17.17 -15.32
CA VAL A 186 -20.74 -17.13 -13.89
C VAL A 186 -19.49 -17.18 -13.01
N LEU A 187 -18.64 -18.16 -13.25
CA LEU A 187 -17.38 -18.34 -12.48
C LEU A 187 -16.55 -17.06 -12.56
N PHE A 188 -16.45 -16.46 -13.76
CA PHE A 188 -15.69 -15.22 -14.02
C PHE A 188 -16.20 -14.14 -13.07
N THR A 189 -17.52 -13.94 -13.03
CA THR A 189 -18.12 -12.86 -12.19
C THR A 189 -17.83 -13.15 -10.71
N VAL A 190 -18.03 -14.39 -10.27
CA VAL A 190 -17.84 -14.73 -8.83
C VAL A 190 -16.39 -14.47 -8.43
N MET A 191 -15.44 -14.90 -9.26
CA MET A 191 -13.99 -14.76 -8.91
C MET A 191 -13.59 -13.28 -8.83
N VAL A 192 -14.00 -12.48 -9.81
CA VAL A 192 -13.65 -11.02 -9.83
C VAL A 192 -14.32 -10.33 -8.63
N SER A 193 -15.58 -10.66 -8.37
CA SER A 193 -16.32 -10.05 -7.24
C SER A 193 -15.71 -10.46 -5.89
N LEU A 194 -15.26 -11.72 -5.77
CA LEU A 194 -14.59 -12.19 -4.52
C LEU A 194 -13.30 -11.40 -4.29
N ALA A 195 -12.56 -11.10 -5.36
CA ALA A 195 -11.31 -10.32 -5.24
C ALA A 195 -11.61 -8.93 -4.68
N ALA A 196 -12.74 -8.33 -5.11
CA ALA A 196 -13.14 -7.01 -4.59
C ALA A 196 -13.49 -7.10 -3.10
N LEU A 197 -14.04 -8.24 -2.66
CA LEU A 197 -14.44 -8.40 -1.23
C LEU A 197 -13.17 -8.44 -0.40
N TRP A 198 -12.13 -9.12 -0.94
CA TRP A 198 -10.79 -9.19 -0.31
C TRP A 198 -10.22 -7.77 -0.24
N ARG A 199 -10.38 -6.97 -1.30
CA ARG A 199 -9.73 -5.62 -1.41
C ARG A 199 -10.39 -4.65 -0.42
N ALA A 200 -11.70 -4.76 -0.24
CA ALA A 200 -12.45 -3.94 0.74
C ALA A 200 -11.94 -4.23 2.17
N ALA A 201 -11.65 -5.50 2.48
CA ALA A 201 -11.17 -5.95 3.82
C ALA A 201 -9.69 -5.58 3.98
N GLY A 202 -9.11 -4.91 2.98
CA GLY A 202 -7.78 -4.31 3.10
C GLY A 202 -6.68 -5.23 2.58
N VAL A 203 -7.04 -6.30 1.87
CA VAL A 203 -6.07 -7.26 1.28
C VAL A 203 -5.93 -6.99 -0.23
N VAL A 204 -4.69 -6.73 -0.66
CA VAL A 204 -4.41 -6.15 -1.99
C VAL A 204 -3.26 -6.93 -2.61
N PRO A 205 -3.53 -7.56 -3.77
CA PRO A 205 -2.52 -8.35 -4.48
C PRO A 205 -1.35 -7.44 -4.86
N ASP A 206 -0.15 -8.02 -4.89
CA ASP A 206 1.04 -7.43 -5.53
C ASP A 206 1.15 -7.96 -6.96
N ALA A 207 0.31 -8.94 -7.32
CA ALA A 207 0.40 -9.68 -8.60
C ALA A 207 -0.85 -10.56 -8.76
N VAL A 208 -1.12 -11.08 -9.95
CA VAL A 208 -2.17 -12.12 -10.16
C VAL A 208 -1.63 -13.31 -10.93
N VAL A 209 -2.30 -14.46 -10.80
CA VAL A 209 -1.93 -15.69 -11.56
C VAL A 209 -3.22 -16.44 -11.90
N GLY A 210 -3.38 -16.84 -13.15
CA GLY A 210 -4.57 -17.52 -13.67
C GLY A 210 -4.21 -18.91 -14.17
N HIS A 211 -5.15 -19.83 -13.99
CA HIS A 211 -5.13 -21.19 -14.57
C HIS A 211 -6.29 -21.29 -15.58
N SER A 212 -5.97 -21.58 -16.84
CA SER A 212 -7.00 -21.77 -17.91
C SER A 212 -7.81 -20.47 -18.10
N GLN A 213 -9.14 -20.56 -17.99
CA GLN A 213 -10.04 -19.38 -18.07
C GLN A 213 -9.70 -18.39 -16.96
N GLY A 214 -9.13 -18.87 -15.85
CA GLY A 214 -8.85 -18.01 -14.69
C GLY A 214 -8.04 -16.79 -15.09
N GLU A 215 -7.23 -16.90 -16.14
CA GLU A 215 -6.35 -15.79 -16.61
C GLU A 215 -7.21 -14.60 -17.05
N ILE A 216 -8.46 -14.86 -17.45
CA ILE A 216 -9.43 -13.79 -17.86
C ILE A 216 -9.82 -12.98 -16.62
N ALA A 217 -10.26 -13.64 -15.56
CA ALA A 217 -10.56 -13.02 -14.25
C ALA A 217 -9.32 -12.29 -13.72
N ALA A 218 -8.16 -12.92 -13.78
CA ALA A 218 -6.87 -12.31 -13.37
C ALA A 218 -6.64 -11.01 -14.14
N ALA A 219 -6.92 -10.97 -15.45
CA ALA A 219 -6.77 -9.77 -16.31
C ALA A 219 -7.76 -8.67 -15.87
N ALA A 220 -9.02 -9.03 -15.60
CA ALA A 220 -10.03 -8.07 -15.08
C ALA A 220 -9.53 -7.43 -13.79
N VAL A 221 -9.02 -8.22 -12.85
CA VAL A 221 -8.71 -7.69 -11.49
C VAL A 221 -7.47 -6.81 -11.58
N SER A 222 -6.50 -7.20 -12.39
CA SER A 222 -5.25 -6.43 -12.60
C SER A 222 -5.54 -5.16 -13.41
N GLY A 223 -6.63 -5.14 -14.19
CA GLY A 223 -7.01 -4.04 -15.10
C GLY A 223 -6.38 -4.16 -16.49
N ALA A 224 -5.70 -5.28 -16.79
CA ALA A 224 -4.96 -5.50 -18.05
C ALA A 224 -5.94 -5.58 -19.23
N LEU A 225 -7.12 -6.15 -18.97
CA LEU A 225 -8.34 -5.99 -19.79
C LEU A 225 -9.30 -5.14 -18.98
N SER A 226 -10.04 -4.27 -19.66
CA SER A 226 -11.29 -3.68 -19.15
C SER A 226 -12.25 -4.82 -18.80
N LEU A 227 -13.19 -4.53 -17.92
CA LEU A 227 -14.28 -5.44 -17.55
C LEU A 227 -14.93 -5.97 -18.82
N GLY A 228 -15.32 -5.07 -19.73
CA GLY A 228 -16.16 -5.37 -20.90
C GLY A 228 -15.41 -6.30 -21.85
N ASP A 229 -14.11 -6.08 -21.97
CA ASP A 229 -13.24 -6.91 -22.82
C ASP A 229 -13.10 -8.31 -22.20
N ALA A 230 -12.80 -8.38 -20.91
CA ALA A 230 -12.63 -9.66 -20.21
C ALA A 230 -13.96 -10.42 -20.23
N ALA A 231 -15.07 -9.72 -20.07
CA ALA A 231 -16.43 -10.31 -20.11
C ALA A 231 -16.68 -10.88 -21.50
N GLN A 232 -16.31 -10.15 -22.55
CA GLN A 232 -16.63 -10.61 -23.93
C GLN A 232 -15.80 -11.84 -24.25
N VAL A 233 -14.55 -11.89 -23.77
CA VAL A 233 -13.62 -13.02 -24.03
C VAL A 233 -14.21 -14.27 -23.39
N VAL A 234 -14.56 -14.22 -22.12
CA VAL A 234 -15.05 -15.42 -21.40
C VAL A 234 -16.32 -15.90 -22.09
N VAL A 235 -17.17 -14.97 -22.50
CA VAL A 235 -18.55 -15.34 -22.93
C VAL A 235 -18.46 -16.00 -24.29
N LEU A 236 -17.60 -15.45 -25.17
CA LEU A 236 -17.50 -15.85 -26.59
C LEU A 236 -16.71 -17.16 -26.67
N ARG A 237 -15.71 -17.32 -25.81
CA ARG A 237 -14.82 -18.50 -25.86
C ARG A 237 -15.54 -19.70 -25.23
N SER A 238 -16.35 -19.50 -24.20
CA SER A 238 -17.18 -20.57 -23.60
C SER A 238 -18.35 -20.93 -24.53
N GLN A 239 -18.92 -19.96 -25.26
CA GLN A 239 -20.03 -20.22 -26.22
C GLN A 239 -19.52 -21.02 -27.42
N LEU A 240 -18.28 -20.75 -27.87
CA LEU A 240 -17.55 -21.55 -28.90
C LEU A 240 -17.38 -22.99 -28.44
N PHE A 241 -16.80 -23.17 -27.25
CA PHE A 241 -16.50 -24.50 -26.68
C PHE A 241 -17.81 -25.29 -26.63
N ALA A 242 -18.94 -24.62 -26.32
CA ALA A 242 -20.26 -25.26 -26.15
C ALA A 242 -20.76 -25.76 -27.50
N ASP A 243 -20.57 -24.93 -28.53
CA ASP A 243 -20.98 -25.19 -29.95
C ASP A 243 -20.14 -26.35 -30.51
N GLU A 244 -18.85 -26.41 -30.18
CA GLU A 244 -17.88 -27.07 -31.08
C GLU A 244 -17.18 -28.24 -30.37
N LEU A 245 -17.18 -28.32 -29.03
CA LEU A 245 -16.25 -29.20 -28.26
C LEU A 245 -16.99 -30.05 -27.23
N VAL A 246 -18.13 -29.57 -26.70
CA VAL A 246 -18.97 -30.34 -25.72
C VAL A 246 -19.29 -31.70 -26.37
N GLY A 247 -19.33 -32.76 -25.55
CA GLY A 247 -19.56 -34.15 -25.99
C GLY A 247 -18.27 -34.88 -26.31
N LYS A 248 -17.27 -34.15 -26.82
CA LYS A 248 -16.14 -34.68 -27.64
C LYS A 248 -14.88 -34.84 -26.79
N GLY A 249 -14.91 -34.38 -25.53
CA GLY A 249 -13.70 -34.14 -24.74
C GLY A 249 -14.02 -33.72 -23.32
N ALA A 250 -13.09 -33.93 -22.42
CA ALA A 250 -13.10 -33.29 -21.08
C ALA A 250 -11.66 -33.14 -20.55
N VAL A 251 -11.52 -32.53 -19.37
CA VAL A 251 -10.25 -32.48 -18.57
C VAL A 251 -10.51 -33.20 -17.25
N ALA A 252 -9.54 -34.00 -16.79
CA ALA A 252 -9.54 -34.70 -15.50
C ALA A 252 -8.32 -34.29 -14.70
N SER A 253 -8.51 -34.17 -13.39
CA SER A 253 -7.47 -33.93 -12.36
C SER A 253 -6.92 -35.30 -11.92
N VAL A 254 -5.60 -35.52 -12.04
CA VAL A 254 -4.94 -36.78 -11.56
C VAL A 254 -3.82 -36.44 -10.56
N SER A 255 -3.84 -37.08 -9.37
CA SER A 255 -2.81 -36.90 -8.32
C SER A 255 -1.63 -37.87 -8.52
N LEU A 256 -0.85 -37.65 -9.58
CA LEU A 256 0.46 -38.32 -9.87
C LEU A 256 1.33 -37.34 -10.63
N PRO A 257 2.68 -37.50 -10.62
CA PRO A 257 3.57 -36.61 -11.36
C PRO A 257 3.52 -36.94 -12.85
N ALA A 258 3.89 -35.96 -13.68
CA ALA A 258 3.78 -36.00 -15.17
C ALA A 258 4.24 -37.36 -15.72
N ALA A 259 5.44 -37.81 -15.34
CA ALA A 259 6.15 -38.97 -15.95
C ALA A 259 5.30 -40.24 -15.78
N GLU A 260 4.81 -40.51 -14.57
CA GLU A 260 3.90 -41.65 -14.25
C GLU A 260 2.71 -41.66 -15.20
N VAL A 261 2.11 -40.49 -15.47
CA VAL A 261 0.82 -40.32 -16.19
C VAL A 261 1.05 -40.50 -17.71
N GLU A 262 2.16 -40.00 -18.27
CA GLU A 262 2.54 -40.22 -19.69
C GLU A 262 2.48 -41.72 -20.00
N ALA A 263 2.95 -42.55 -19.05
CA ALA A 263 3.08 -44.02 -19.16
C ALA A 263 1.71 -44.71 -19.03
N ARG A 264 0.72 -44.07 -18.39
CA ARG A 264 -0.59 -44.72 -18.16
C ARG A 264 -1.54 -44.42 -19.33
N ILE A 265 -1.31 -43.33 -20.06
CA ILE A 265 -2.18 -42.89 -21.20
C ILE A 265 -1.68 -43.48 -22.54
N ALA A 266 -0.42 -43.95 -22.61
CA ALA A 266 0.24 -44.40 -23.87
C ALA A 266 -0.66 -45.42 -24.58
N ARG A 267 -1.29 -46.32 -23.80
CA ARG A 267 -2.05 -47.49 -24.34
C ARG A 267 -3.34 -46.99 -24.99
N PHE A 268 -3.90 -45.87 -24.53
CA PHE A 268 -5.11 -45.22 -25.12
C PHE A 268 -4.75 -44.56 -26.44
N ASN A 269 -3.50 -44.10 -26.61
CA ASN A 269 -3.05 -43.27 -27.76
C ASN A 269 -2.28 -44.13 -28.77
N GLY A 270 -2.94 -45.15 -29.34
CA GLY A 270 -2.39 -45.96 -30.44
C GLY A 270 -2.69 -45.33 -31.79
N ASP A 271 -3.93 -45.44 -32.26
CA ASP A 271 -4.41 -44.84 -33.53
C ASP A 271 -4.20 -43.32 -33.49
N ALA A 272 -4.67 -42.66 -32.44
CA ALA A 272 -4.80 -41.19 -32.33
C ALA A 272 -4.51 -40.77 -30.89
N GLU A 273 -4.05 -39.53 -30.68
CA GLU A 273 -3.75 -39.00 -29.32
C GLU A 273 -5.07 -38.56 -28.68
N LEU A 274 -5.80 -39.49 -28.07
CA LEU A 274 -7.09 -39.23 -27.38
C LEU A 274 -6.84 -38.45 -26.08
N LEU A 275 -5.66 -38.64 -25.47
CA LEU A 275 -5.33 -38.19 -24.08
C LEU A 275 -3.93 -37.54 -24.05
N SER A 276 -3.82 -36.38 -23.42
CA SER A 276 -2.57 -35.58 -23.34
C SER A 276 -2.55 -34.79 -22.03
N ILE A 277 -1.35 -34.48 -21.54
CA ILE A 277 -1.14 -33.74 -20.27
C ILE A 277 -1.43 -32.27 -20.53
N ALA A 278 -2.51 -31.75 -19.94
CA ALA A 278 -2.97 -30.38 -20.21
C ALA A 278 -2.59 -29.42 -19.08
N GLY A 279 -2.06 -29.92 -17.97
CA GLY A 279 -1.61 -28.97 -16.95
C GLY A 279 -0.64 -29.53 -15.94
N ASN A 280 0.21 -28.68 -15.36
CA ASN A 280 1.11 -29.10 -14.27
C ASN A 280 0.74 -28.21 -13.08
N ASN A 281 0.22 -28.79 -12.00
CA ASN A 281 -0.28 -27.97 -10.86
C ASN A 281 0.68 -28.12 -9.69
N GLY A 282 1.17 -29.34 -9.48
CA GLY A 282 2.18 -29.58 -8.43
C GLY A 282 3.16 -30.64 -8.90
N PRO A 283 4.20 -30.95 -8.07
CA PRO A 283 5.10 -32.06 -8.37
C PRO A 283 4.39 -33.41 -8.46
N ARG A 284 3.21 -33.59 -7.84
CA ARG A 284 2.48 -34.89 -7.78
C ARG A 284 1.05 -34.74 -8.31
N SER A 285 0.82 -33.75 -9.17
CA SER A 285 -0.54 -33.25 -9.51
C SER A 285 -0.58 -32.72 -10.95
N VAL A 286 -1.35 -33.36 -11.82
CA VAL A 286 -1.44 -32.92 -13.24
C VAL A 286 -2.89 -33.05 -13.70
N THR A 287 -3.19 -32.47 -14.87
CA THR A 287 -4.47 -32.70 -15.55
C THR A 287 -4.22 -33.44 -16.85
N VAL A 288 -5.22 -34.22 -17.23
CA VAL A 288 -5.27 -34.91 -18.55
C VAL A 288 -6.49 -34.40 -19.32
N ALA A 289 -6.30 -34.11 -20.61
CA ALA A 289 -7.38 -33.64 -21.51
C ALA A 289 -7.50 -34.62 -22.67
N GLY A 290 -8.74 -34.94 -23.03
CA GLY A 290 -9.11 -35.46 -24.36
C GLY A 290 -10.42 -36.22 -24.29
N GLN A 291 -10.51 -37.33 -25.01
CA GLN A 291 -11.79 -37.98 -25.41
C GLN A 291 -12.44 -38.58 -24.17
N VAL A 292 -13.75 -38.33 -24.02
CA VAL A 292 -14.55 -38.59 -22.77
C VAL A 292 -14.45 -40.06 -22.32
N ALA A 293 -14.59 -41.04 -23.22
CA ALA A 293 -14.62 -42.49 -22.89
C ALA A 293 -13.26 -42.92 -22.32
N ALA A 294 -12.18 -42.63 -23.05
CA ALA A 294 -10.76 -42.91 -22.67
C ALA A 294 -10.40 -42.17 -21.37
N LEU A 295 -10.83 -40.92 -21.21
CA LEU A 295 -10.61 -40.17 -19.95
C LEU A 295 -11.28 -40.92 -18.79
N GLU A 296 -12.52 -41.38 -18.97
CA GLU A 296 -13.35 -42.04 -17.92
C GLU A 296 -12.75 -43.42 -17.59
N GLU A 297 -12.24 -44.14 -18.59
CA GLU A 297 -11.57 -45.45 -18.36
C GLU A 297 -10.30 -45.23 -17.50
N LEU A 298 -9.41 -44.32 -17.89
CA LEU A 298 -8.16 -44.00 -17.13
C LEU A 298 -8.50 -43.62 -15.68
N VAL A 299 -9.52 -42.77 -15.53
CA VAL A 299 -10.03 -42.28 -14.22
C VAL A 299 -10.55 -43.45 -13.37
N ALA A 300 -11.27 -44.39 -13.97
CA ALA A 300 -11.77 -45.60 -13.28
C ALA A 300 -10.61 -46.54 -12.93
N GLU A 301 -9.74 -46.86 -13.90
CA GLU A 301 -8.48 -47.61 -13.67
C GLU A 301 -7.76 -47.07 -12.42
N LEU A 302 -7.45 -45.76 -12.38
CA LEU A 302 -6.60 -45.14 -11.33
C LEU A 302 -7.33 -45.16 -9.99
N GLU A 303 -8.65 -44.95 -9.99
CA GLU A 303 -9.51 -44.98 -8.76
C GLU A 303 -9.48 -46.36 -8.13
N ALA A 304 -9.67 -47.41 -8.94
CA ALA A 304 -9.58 -48.83 -8.53
C ALA A 304 -8.22 -49.09 -7.86
N GLU A 305 -7.19 -48.33 -8.20
CA GLU A 305 -5.79 -48.56 -7.72
C GLU A 305 -5.49 -47.68 -6.49
N GLY A 306 -6.44 -46.84 -6.07
CA GLY A 306 -6.33 -46.00 -4.87
C GLY A 306 -5.74 -44.64 -5.17
N VAL A 307 -5.62 -44.27 -6.45
CA VAL A 307 -5.11 -42.95 -6.93
C VAL A 307 -6.31 -42.03 -7.16
N ARG A 308 -6.24 -40.77 -6.70
CA ARG A 308 -7.31 -39.76 -6.94
C ARG A 308 -7.22 -39.30 -8.40
N ALA A 309 -8.27 -39.61 -9.19
CA ALA A 309 -8.50 -39.08 -10.55
C ALA A 309 -9.99 -38.76 -10.71
N LYS A 310 -10.30 -37.56 -11.18
CA LYS A 310 -11.67 -37.05 -11.23
C LYS A 310 -11.82 -36.22 -12.50
N VAL A 311 -12.87 -36.46 -13.28
CA VAL A 311 -13.28 -35.56 -14.40
C VAL A 311 -13.74 -34.23 -13.80
N ILE A 312 -13.11 -33.13 -14.19
CA ILE A 312 -13.50 -31.76 -13.74
C ILE A 312 -14.84 -31.39 -14.41
N GLY A 313 -15.78 -30.86 -13.63
CA GLY A 313 -17.22 -30.79 -13.96
C GLY A 313 -17.46 -29.93 -15.19
N SER A 314 -18.25 -30.42 -16.15
CA SER A 314 -18.65 -29.61 -17.34
C SER A 314 -17.48 -29.22 -18.24
N THR A 315 -16.27 -29.70 -17.96
CA THR A 315 -15.10 -29.26 -18.76
C THR A 315 -15.09 -29.86 -20.17
N VAL A 316 -14.54 -29.12 -21.14
CA VAL A 316 -14.36 -29.67 -22.51
C VAL A 316 -12.87 -30.02 -22.63
N ALA A 317 -12.45 -30.61 -23.76
CA ALA A 317 -11.04 -31.01 -23.91
C ALA A 317 -10.22 -29.79 -24.34
N SER A 318 -10.08 -28.81 -23.46
CA SER A 318 -9.22 -27.65 -23.73
C SER A 318 -7.78 -28.05 -23.42
N HIS A 319 -6.80 -27.23 -23.83
CA HIS A 319 -5.38 -27.52 -23.52
C HIS A 319 -4.96 -28.82 -24.22
N CYS A 320 -5.51 -29.08 -25.40
CA CYS A 320 -5.15 -30.29 -26.19
C CYS A 320 -5.37 -30.00 -27.68
N ALA A 321 -5.06 -30.95 -28.56
CA ALA A 321 -5.16 -30.72 -30.02
C ALA A 321 -6.59 -30.43 -30.48
N GLN A 322 -7.59 -30.77 -29.67
CA GLN A 322 -9.01 -30.55 -30.05
C GLN A 322 -9.27 -29.05 -30.28
N VAL A 323 -8.54 -28.18 -29.57
CA VAL A 323 -8.66 -26.70 -29.73
C VAL A 323 -8.12 -26.24 -31.09
N ASP A 324 -7.21 -27.01 -31.72
CA ASP A 324 -6.56 -26.53 -32.98
C ASP A 324 -7.54 -26.25 -34.14
N PRO A 325 -8.57 -27.07 -34.45
CA PRO A 325 -9.55 -26.71 -35.50
C PRO A 325 -10.30 -25.41 -35.22
N LEU A 326 -10.05 -24.77 -34.08
CA LEU A 326 -10.76 -23.53 -33.67
C LEU A 326 -9.81 -22.33 -33.80
N HIS A 327 -8.54 -22.55 -34.17
CA HIS A 327 -7.49 -21.50 -34.16
C HIS A 327 -8.02 -20.20 -34.80
N GLU A 328 -8.31 -20.19 -36.10
CA GLU A 328 -8.59 -18.93 -36.84
C GLU A 328 -9.88 -18.29 -36.30
N ARG A 329 -10.91 -19.10 -36.01
CA ARG A 329 -12.18 -18.64 -35.40
C ARG A 329 -11.88 -17.82 -34.13
N ILE A 330 -10.87 -18.24 -33.35
CA ILE A 330 -10.58 -17.68 -32.00
C ILE A 330 -9.81 -16.35 -32.15
N LEU A 331 -8.89 -16.25 -33.11
CA LEU A 331 -8.20 -14.99 -33.49
C LEU A 331 -9.22 -13.97 -34.01
N ASP A 332 -10.21 -14.40 -34.79
CA ASP A 332 -11.27 -13.50 -35.32
C ASP A 332 -12.19 -13.10 -34.18
N LEU A 333 -12.68 -14.06 -33.38
CA LEU A 333 -13.66 -13.82 -32.29
C LEU A 333 -13.10 -12.76 -31.31
N LEU A 334 -11.82 -12.86 -30.98
CA LEU A 334 -11.24 -11.97 -29.93
C LEU A 334 -10.36 -10.88 -30.54
N SER A 335 -10.63 -10.48 -31.79
CA SER A 335 -9.87 -9.39 -32.45
C SER A 335 -10.14 -8.06 -31.73
N PHE A 336 -11.28 -7.93 -31.05
CA PHE A 336 -11.66 -6.67 -30.36
C PHE A 336 -10.62 -6.33 -29.28
N VAL A 337 -10.07 -7.35 -28.62
CA VAL A 337 -9.40 -7.24 -27.30
C VAL A 337 -8.39 -6.09 -27.33
N GLN A 338 -8.53 -5.10 -26.43
CA GLN A 338 -7.52 -4.02 -26.34
C GLN A 338 -6.78 -4.18 -25.01
N PRO A 339 -5.50 -4.61 -25.02
CA PRO A 339 -4.73 -4.82 -23.79
C PRO A 339 -4.02 -3.54 -23.31
N ARG A 340 -3.54 -3.51 -22.06
CA ARG A 340 -2.96 -2.27 -21.46
C ARG A 340 -2.31 -2.66 -20.14
N GLU A 341 -1.33 -1.88 -19.66
CA GLU A 341 -0.70 -2.13 -18.34
C GLU A 341 -1.81 -2.16 -17.27
N GLY A 342 -1.81 -3.18 -16.42
CA GLY A 342 -2.62 -3.21 -15.19
C GLY A 342 -1.90 -2.55 -14.02
N SER A 343 -2.56 -2.49 -12.86
CA SER A 343 -2.03 -1.90 -11.61
C SER A 343 -0.91 -2.80 -11.07
N VAL A 344 -0.80 -4.01 -11.61
CA VAL A 344 -0.19 -5.15 -10.88
C VAL A 344 0.08 -6.27 -11.88
N PRO A 345 1.27 -6.94 -11.84
CA PRO A 345 1.62 -7.91 -12.88
C PRO A 345 0.85 -9.23 -12.95
N LEU A 346 0.79 -9.82 -14.15
CA LEU A 346 0.14 -11.13 -14.31
C LEU A 346 1.24 -12.15 -14.59
N TYR A 347 1.31 -13.22 -13.80
CA TYR A 347 2.30 -14.29 -14.09
C TYR A 347 1.61 -15.23 -15.08
N SER A 348 2.19 -15.37 -16.28
CA SER A 348 1.54 -16.17 -17.35
C SER A 348 1.74 -17.66 -17.15
N THR A 349 0.65 -18.40 -16.96
CA THR A 349 0.69 -19.87 -16.85
C THR A 349 0.81 -20.46 -18.26
N VAL A 350 1.05 -19.61 -19.25
CA VAL A 350 0.97 -20.02 -20.69
C VAL A 350 2.36 -19.91 -21.32
N ASN A 351 3.23 -18.99 -20.88
CA ASN A 351 4.53 -18.73 -21.56
C ASN A 351 5.62 -18.32 -20.57
N GLY A 352 5.42 -18.53 -19.27
CA GLY A 352 6.48 -18.34 -18.23
C GLY A 352 6.99 -16.90 -18.16
N GLU A 353 6.23 -15.94 -18.68
CA GLU A 353 6.61 -14.50 -18.70
C GLU A 353 5.82 -13.77 -17.61
N VAL A 354 6.38 -12.68 -17.10
CA VAL A 354 5.68 -11.76 -16.17
C VAL A 354 5.17 -10.57 -16.98
N LEU A 355 3.86 -10.54 -17.24
CA LEU A 355 3.27 -9.62 -18.24
C LEU A 355 2.76 -8.37 -17.52
N ASN A 356 3.09 -7.18 -18.04
CA ASN A 356 2.56 -5.89 -17.49
C ASN A 356 1.04 -5.84 -17.71
N GLY A 357 0.55 -6.44 -18.81
CA GLY A 357 -0.89 -6.48 -19.15
C GLY A 357 -1.15 -6.12 -20.61
N ALA A 358 -0.24 -5.38 -21.27
CA ALA A 358 -0.42 -4.94 -22.68
C ALA A 358 -0.24 -6.11 -23.67
N GLU A 359 0.30 -7.25 -23.23
CA GLU A 359 0.73 -8.34 -24.16
C GLU A 359 -0.44 -9.30 -24.37
N LEU A 360 -1.60 -9.05 -23.74
CA LEU A 360 -2.76 -9.98 -23.73
C LEU A 360 -3.69 -9.71 -24.93
N ASP A 361 -3.18 -9.95 -26.14
CA ASP A 361 -3.89 -9.77 -27.43
C ASP A 361 -4.54 -11.11 -27.80
N ALA A 362 -5.28 -11.18 -28.89
CA ALA A 362 -6.09 -12.38 -29.25
C ALA A 362 -5.18 -13.62 -29.34
N SER A 363 -3.91 -13.44 -29.76
CA SER A 363 -2.89 -14.50 -29.85
C SER A 363 -2.68 -15.14 -28.47
N TYR A 364 -2.52 -14.30 -27.46
CA TYR A 364 -2.37 -14.77 -26.06
C TYR A 364 -3.56 -15.65 -25.72
N TRP A 365 -4.78 -15.24 -26.07
CA TRP A 365 -6.00 -15.94 -25.61
C TRP A 365 -6.17 -17.26 -26.38
N PHE A 366 -5.46 -17.41 -27.51
CA PHE A 366 -5.45 -18.72 -28.22
C PHE A 366 -4.48 -19.68 -27.49
N GLU A 367 -3.25 -19.20 -27.26
CA GLU A 367 -2.22 -19.90 -26.44
C GLU A 367 -2.84 -20.36 -25.11
N ASN A 368 -3.70 -19.53 -24.51
CA ASN A 368 -4.24 -19.79 -23.16
C ASN A 368 -5.16 -21.03 -23.23
N CYS A 369 -5.95 -21.21 -24.29
CA CYS A 369 -6.91 -22.35 -24.33
C CYS A 369 -6.29 -23.57 -25.02
N ARG A 370 -5.16 -23.41 -25.70
CA ARG A 370 -4.50 -24.51 -26.47
C ARG A 370 -3.37 -25.13 -25.65
N ARG A 371 -2.37 -24.32 -25.25
CA ARG A 371 -1.18 -24.74 -24.44
C ARG A 371 -1.64 -25.40 -23.13
N PRO A 372 -0.86 -26.40 -22.66
CA PRO A 372 -0.96 -26.87 -21.27
C PRO A 372 -0.49 -25.84 -20.24
N VAL A 373 -1.19 -25.84 -19.11
CA VAL A 373 -1.08 -24.79 -18.06
C VAL A 373 0.12 -25.14 -17.20
N SER A 374 1.25 -24.46 -17.37
CA SER A 374 2.44 -24.65 -16.51
C SER A 374 2.28 -23.75 -15.27
N PHE A 375 1.35 -24.13 -14.40
CA PHE A 375 1.09 -23.49 -13.09
C PHE A 375 2.28 -23.72 -12.17
N GLU A 376 2.73 -24.96 -12.01
CA GLU A 376 3.70 -25.30 -10.95
C GLU A 376 4.99 -24.50 -11.13
N PRO A 377 5.56 -24.40 -12.35
CA PRO A 377 6.79 -23.62 -12.51
C PRO A 377 6.62 -22.15 -12.15
N VAL A 378 5.44 -21.56 -12.37
CA VAL A 378 5.25 -20.11 -12.07
C VAL A 378 4.99 -19.96 -10.56
N VAL A 379 4.52 -21.01 -9.91
CA VAL A 379 4.45 -21.02 -8.42
C VAL A 379 5.87 -20.94 -7.87
N ARG A 380 6.84 -21.61 -8.49
CA ARG A 380 8.24 -21.60 -7.98
C ARG A 380 8.85 -20.22 -8.26
N ALA A 381 8.61 -19.64 -9.43
CA ALA A 381 9.02 -18.26 -9.80
C ALA A 381 8.44 -17.24 -8.79
N LEU A 382 7.18 -17.42 -8.36
CA LEU A 382 6.54 -16.52 -7.37
C LEU A 382 7.27 -16.64 -6.03
N PHE A 383 7.62 -17.87 -5.60
CA PHE A 383 8.45 -18.08 -4.38
C PHE A 383 9.73 -17.23 -4.50
N ALA A 384 10.39 -17.30 -5.64
CA ALA A 384 11.74 -16.71 -5.84
C ALA A 384 11.64 -15.18 -5.93
N ASP A 385 10.49 -14.62 -6.31
CA ASP A 385 10.26 -13.15 -6.40
C ASP A 385 9.69 -12.60 -5.08
N GLY A 386 9.44 -13.46 -4.09
CA GLY A 386 9.22 -13.07 -2.67
C GLY A 386 7.74 -13.11 -2.27
N PHE A 387 6.93 -13.84 -3.02
CA PHE A 387 5.52 -14.10 -2.66
C PHE A 387 5.50 -15.18 -1.59
N ASP A 388 4.91 -14.93 -0.43
CA ASP A 388 4.70 -16.03 0.55
C ASP A 388 3.22 -16.16 0.93
N VAL A 389 2.32 -15.43 0.28
CA VAL A 389 0.86 -15.50 0.57
C VAL A 389 0.10 -15.61 -0.75
N PHE A 390 -0.64 -16.70 -0.92
CA PHE A 390 -1.38 -17.04 -2.13
C PHE A 390 -2.85 -17.09 -1.75
N VAL A 391 -3.62 -16.14 -2.27
CA VAL A 391 -5.06 -16.06 -2.03
C VAL A 391 -5.75 -16.52 -3.29
N GLU A 392 -6.46 -17.65 -3.18
CA GLU A 392 -7.25 -18.23 -4.26
C GLU A 392 -8.68 -17.67 -4.18
N SER A 393 -9.06 -16.90 -5.20
CA SER A 393 -10.26 -16.02 -5.17
C SER A 393 -11.43 -16.80 -5.77
N SER A 394 -11.87 -17.85 -5.09
CA SER A 394 -12.71 -18.91 -5.71
C SER A 394 -13.77 -19.38 -4.73
N ALA A 395 -14.76 -20.11 -5.25
CA ALA A 395 -15.93 -20.64 -4.53
C ALA A 395 -15.50 -21.87 -3.69
N HIS A 396 -14.44 -22.55 -4.12
CA HIS A 396 -13.90 -23.79 -3.50
C HIS A 396 -12.43 -23.93 -3.86
N PRO A 397 -11.55 -24.25 -2.90
CA PRO A 397 -10.13 -24.20 -3.18
C PRO A 397 -9.71 -25.43 -3.99
N VAL A 398 -9.01 -25.24 -5.11
CA VAL A 398 -8.65 -26.37 -6.01
C VAL A 398 -7.14 -26.33 -6.33
N LEU A 399 -6.55 -25.14 -6.41
CA LEU A 399 -5.10 -25.00 -6.72
C LEU A 399 -4.28 -24.90 -5.43
N THR A 400 -4.96 -24.84 -4.28
CA THR A 400 -4.29 -24.55 -2.98
C THR A 400 -3.36 -25.71 -2.63
N TYR A 401 -3.82 -26.95 -2.86
CA TYR A 401 -3.02 -28.16 -2.53
C TYR A 401 -1.75 -28.17 -3.37
N GLY A 402 -1.86 -27.80 -4.65
CA GLY A 402 -0.70 -27.79 -5.56
C GLY A 402 0.34 -26.79 -5.09
N ILE A 403 -0.09 -25.60 -4.68
CA ILE A 403 0.85 -24.55 -4.18
C ILE A 403 1.54 -25.07 -2.92
N SER A 404 0.78 -25.69 -2.01
CA SER A 404 1.35 -26.22 -0.74
C SER A 404 2.34 -27.36 -1.05
N GLU A 405 2.00 -28.23 -1.99
CA GLU A 405 2.90 -29.36 -2.37
C GLU A 405 4.17 -28.76 -3.00
N THR A 406 4.01 -27.76 -3.85
CA THR A 406 5.17 -27.08 -4.46
C THR A 406 6.02 -26.45 -3.36
N ALA A 407 5.40 -25.80 -2.36
CA ALA A 407 6.09 -25.08 -1.27
C ALA A 407 6.96 -26.06 -0.48
N GLU A 408 6.35 -27.18 -0.07
CA GLU A 408 7.03 -28.28 0.68
C GLU A 408 8.26 -28.73 -0.12
N ALA A 409 8.05 -29.05 -1.39
CA ALA A 409 9.14 -29.62 -2.23
C ALA A 409 10.22 -28.55 -2.47
N ALA A 410 9.93 -27.27 -2.24
CA ALA A 410 10.91 -26.19 -2.49
C ALA A 410 11.48 -25.72 -1.17
N GLY A 411 11.10 -26.34 -0.05
CA GLY A 411 11.55 -25.88 1.28
C GLY A 411 11.12 -24.45 1.57
N ARG A 412 9.88 -24.10 1.21
CA ARG A 412 9.37 -22.72 1.39
C ARG A 412 8.18 -22.72 2.34
N GLU A 413 8.15 -21.80 3.31
CA GLU A 413 6.97 -21.69 4.19
C GLU A 413 6.04 -20.63 3.58
N VAL A 414 4.88 -21.05 3.08
CA VAL A 414 3.97 -20.10 2.39
C VAL A 414 2.54 -20.34 2.88
N LEU A 415 1.66 -19.35 2.70
CA LEU A 415 0.23 -19.54 3.06
C LEU A 415 -0.61 -19.67 1.79
N ALA A 416 -1.22 -20.84 1.56
CA ALA A 416 -2.15 -20.99 0.43
C ALA A 416 -3.59 -21.00 0.97
N GLN A 417 -4.32 -19.92 0.70
CA GLN A 417 -5.61 -19.57 1.36
C GLN A 417 -6.67 -19.50 0.26
N GLY A 418 -7.67 -20.40 0.33
CA GLY A 418 -8.96 -20.27 -0.36
C GLY A 418 -9.89 -19.25 0.27
N THR A 419 -10.98 -18.93 -0.39
CA THR A 419 -11.94 -17.89 0.04
C THR A 419 -13.20 -18.58 0.55
N LEU A 420 -13.99 -19.21 -0.34
CA LEU A 420 -15.20 -19.98 0.05
C LEU A 420 -14.91 -21.47 -0.05
N ARG A 421 -15.84 -22.29 0.44
CA ARG A 421 -15.86 -23.75 0.17
C ARG A 421 -17.31 -24.14 -0.12
N ARG A 422 -17.51 -25.40 -0.54
CA ARG A 422 -18.83 -25.98 -0.81
C ARG A 422 -19.71 -25.79 0.44
N GLU A 423 -20.89 -25.19 0.26
CA GLU A 423 -21.96 -25.15 1.30
C GLU A 423 -21.50 -24.23 2.44
N GLU A 424 -20.40 -23.50 2.24
CA GLU A 424 -19.92 -22.46 3.17
C GLU A 424 -19.57 -21.21 2.38
N GLY A 425 -20.56 -20.40 2.02
CA GLY A 425 -20.39 -19.26 1.10
C GLY A 425 -20.65 -17.95 1.80
N GLY A 426 -20.64 -17.97 3.14
CA GLY A 426 -21.11 -16.87 3.98
C GLY A 426 -19.98 -16.08 4.59
N LEU A 427 -20.32 -15.13 5.44
CA LEU A 427 -19.33 -14.28 6.15
C LEU A 427 -18.53 -15.13 7.13
N ALA A 428 -19.13 -16.17 7.69
CA ALA A 428 -18.42 -17.06 8.63
C ALA A 428 -17.22 -17.66 7.90
N ARG A 429 -17.43 -18.23 6.71
CA ARG A 429 -16.33 -18.83 5.91
C ARG A 429 -15.35 -17.72 5.51
N PHE A 430 -15.84 -16.56 5.11
CA PHE A 430 -14.95 -15.55 4.48
C PHE A 430 -14.05 -14.93 5.56
N TYR A 431 -14.63 -14.52 6.69
CA TYR A 431 -13.87 -14.04 7.88
C TYR A 431 -12.88 -15.10 8.36
N SER A 432 -13.21 -16.38 8.26
CA SER A 432 -12.25 -17.48 8.56
C SER A 432 -11.04 -17.39 7.62
N SER A 433 -11.25 -17.23 6.32
CA SER A 433 -10.15 -17.15 5.33
C SER A 433 -9.41 -15.83 5.51
N LEU A 434 -10.11 -14.76 5.85
CA LEU A 434 -9.48 -13.46 6.14
C LEU A 434 -8.58 -13.60 7.37
N ALA A 435 -9.07 -14.22 8.44
CA ALA A 435 -8.28 -14.55 9.64
C ALA A 435 -7.03 -15.34 9.23
N GLY A 436 -7.20 -16.32 8.33
CA GLY A 436 -6.08 -17.16 7.85
C GLY A 436 -4.90 -16.31 7.43
N VAL A 437 -5.16 -15.23 6.71
CA VAL A 437 -4.14 -14.32 6.12
C VAL A 437 -3.64 -13.35 7.20
N TRP A 438 -4.53 -12.87 8.07
CA TRP A 438 -4.16 -11.91 9.14
C TRP A 438 -3.25 -12.61 10.17
N THR A 439 -3.61 -13.81 10.60
CA THR A 439 -2.91 -14.53 11.67
C THR A 439 -1.49 -14.81 11.21
N ARG A 440 -1.21 -14.71 9.90
CA ARG A 440 0.15 -15.00 9.38
C ARG A 440 0.88 -13.71 8.96
N GLY A 441 0.29 -12.53 9.14
CA GLY A 441 1.03 -11.24 9.11
C GLY A 441 0.55 -10.26 8.03
N VAL A 442 -0.49 -10.59 7.29
CA VAL A 442 -1.05 -9.65 6.27
C VAL A 442 -2.05 -8.72 6.94
N ASP A 443 -2.02 -7.44 6.60
CA ASP A 443 -2.78 -6.36 7.25
C ASP A 443 -4.24 -6.49 6.85
N VAL A 444 -5.16 -6.22 7.76
CA VAL A 444 -6.62 -6.30 7.51
C VAL A 444 -7.33 -5.19 8.28
N ASP A 445 -8.28 -4.52 7.63
CA ASP A 445 -9.19 -3.53 8.27
C ASP A 445 -10.37 -4.30 8.89
N TRP A 446 -10.21 -4.78 10.13
CA TRP A 446 -11.25 -5.57 10.85
C TRP A 446 -12.44 -4.66 11.20
N ALA A 447 -12.20 -3.37 11.48
CA ALA A 447 -13.24 -2.40 11.88
C ALA A 447 -14.30 -2.32 10.78
N GLY A 448 -13.92 -2.67 9.55
CA GLY A 448 -14.80 -2.64 8.37
C GLY A 448 -16.00 -3.54 8.54
N ALA A 449 -15.88 -4.55 9.41
CA ALA A 449 -16.90 -5.60 9.62
C ALA A 449 -18.05 -5.04 10.47
N PHE A 450 -17.83 -3.89 11.12
CA PHE A 450 -18.78 -3.29 12.10
C PHE A 450 -19.38 -1.98 11.55
N ALA A 451 -18.93 -1.53 10.38
CA ALA A 451 -19.44 -0.35 9.66
C ALA A 451 -20.96 -0.24 9.78
N GLY A 452 -21.44 0.90 10.26
CA GLY A 452 -22.88 1.28 10.25
C GLY A 452 -23.71 0.62 11.32
N ARG A 453 -23.11 -0.10 12.29
CA ARG A 453 -23.84 -0.88 13.33
C ARG A 453 -24.09 -0.02 14.59
N GLY A 454 -23.53 1.20 14.63
CA GLY A 454 -23.59 2.10 15.80
C GLY A 454 -22.84 1.54 17.00
N ALA A 455 -21.75 0.83 16.75
CA ALA A 455 -20.88 0.34 17.84
C ALA A 455 -19.93 1.46 18.22
N ARG A 456 -19.40 1.43 19.45
CA ARG A 456 -18.43 2.40 19.98
C ARG A 456 -17.29 1.66 20.68
N VAL A 457 -16.06 2.13 20.46
CA VAL A 457 -14.86 1.51 21.11
C VAL A 457 -14.97 1.72 22.63
N VAL A 458 -14.82 0.65 23.41
CA VAL A 458 -14.89 0.74 24.89
C VAL A 458 -13.55 0.24 25.45
N ASP A 459 -12.95 0.99 26.38
CA ASP A 459 -11.69 0.55 27.03
C ASP A 459 -11.95 -0.75 27.80
N ALA B 23 23.04 -1.42 -0.84
CA ALA B 23 24.21 -1.30 0.08
C ALA B 23 23.96 -0.19 1.12
N PRO B 24 23.98 1.12 0.74
CA PRO B 24 24.33 2.16 1.70
C PRO B 24 23.37 2.19 2.90
N ALA B 25 23.90 2.48 4.09
CA ALA B 25 23.21 2.35 5.40
C ALA B 25 22.68 3.71 5.88
N LEU B 26 21.73 3.68 6.83
CA LEU B 26 21.18 4.88 7.53
C LEU B 26 22.34 5.77 7.99
N ALA B 27 23.36 5.15 8.56
CA ALA B 27 24.36 5.82 9.41
C ALA B 27 25.74 5.23 9.09
N GLU B 28 26.77 6.09 9.00
CA GLU B 28 28.19 5.67 9.09
C GLU B 28 28.36 4.75 10.32
N VAL B 29 29.26 3.78 10.21
CA VAL B 29 29.60 2.81 11.30
C VAL B 29 30.20 3.58 12.48
N LEU B 30 30.92 4.68 12.23
CA LEU B 30 31.61 5.43 13.31
C LEU B 30 30.75 6.60 13.82
N ALA B 31 29.55 6.83 13.27
CA ALA B 31 28.61 7.85 13.79
C ALA B 31 28.20 7.45 15.21
N PRO B 32 28.43 8.30 16.22
CA PRO B 32 28.16 7.89 17.60
C PRO B 32 26.66 7.84 17.92
N THR B 33 25.83 8.63 17.20
CA THR B 33 24.37 8.76 17.48
C THR B 33 23.66 7.44 17.16
N VAL B 34 22.95 6.88 18.13
CA VAL B 34 22.12 5.65 17.97
C VAL B 34 20.75 5.88 18.61
N PRO B 35 19.69 5.22 18.09
CA PRO B 35 18.35 5.29 18.67
C PRO B 35 18.08 4.04 19.51
N TRP B 36 17.56 4.21 20.71
CA TRP B 36 17.13 3.08 21.58
C TRP B 36 15.63 3.09 21.71
N PRO B 37 14.94 2.18 20.99
CA PRO B 37 13.49 2.21 20.96
C PRO B 37 12.99 1.35 22.11
N LEU B 38 11.93 1.78 22.78
CA LEU B 38 11.33 1.10 23.95
C LEU B 38 9.81 1.11 23.77
N SER B 39 9.11 0.05 24.19
CA SER B 39 7.61 -0.02 24.18
C SER B 39 7.14 -0.71 25.44
N GLY B 40 6.03 -0.26 26.01
CA GLY B 40 5.24 -1.02 27.00
C GLY B 40 3.82 -1.23 26.49
N LYS B 41 3.22 -2.37 26.81
CA LYS B 41 1.74 -2.60 26.73
C LYS B 41 1.06 -1.59 27.67
N ASN B 42 1.65 -1.42 28.86
CA ASN B 42 1.20 -0.51 29.94
C ASN B 42 2.17 0.69 29.94
N PRO B 43 1.76 1.92 30.32
CA PRO B 43 2.70 3.02 30.53
C PRO B 43 3.68 2.78 31.68
N GLY B 44 3.19 2.13 32.76
CA GLY B 44 3.99 1.61 33.90
C GLY B 44 5.11 0.69 33.45
N ALA B 45 4.83 -0.18 32.48
CA ALA B 45 5.78 -1.21 31.99
C ALA B 45 6.91 -0.53 31.22
N LEU B 46 6.59 0.51 30.44
CA LEU B 46 7.59 1.28 29.65
C LEU B 46 8.55 2.00 30.61
N GLN B 47 8.03 2.55 31.70
CA GLN B 47 8.82 3.28 32.72
C GLN B 47 9.79 2.32 33.42
N GLY B 48 9.32 1.15 33.86
CA GLY B 48 10.15 0.22 34.63
C GLY B 48 11.22 -0.42 33.76
N GLN B 49 10.87 -0.67 32.49
CA GLN B 49 11.76 -1.24 31.46
C GLN B 49 12.90 -0.24 31.21
N ALA B 50 12.62 1.07 31.29
CA ALA B 50 13.65 2.12 31.18
C ALA B 50 14.55 2.08 32.42
N ALA B 51 13.92 2.08 33.60
CA ALA B 51 14.58 2.16 34.93
C ALA B 51 15.56 0.99 35.10
N ARG B 52 15.16 -0.19 34.63
CA ARG B 52 15.95 -1.45 34.72
C ARG B 52 17.17 -1.34 33.82
N LEU B 53 16.93 -0.93 32.58
CA LEU B 53 17.96 -0.87 31.53
C LEU B 53 18.98 0.20 31.92
N ALA B 54 18.53 1.29 32.54
CA ALA B 54 19.39 2.33 33.13
C ALA B 54 20.25 1.71 34.23
N ALA B 55 19.62 0.97 35.15
CA ALA B 55 20.31 0.37 36.32
C ALA B 55 21.37 -0.62 35.79
N HIS B 56 21.05 -1.29 34.68
CA HIS B 56 21.87 -2.39 34.11
C HIS B 56 23.09 -1.82 33.37
N LEU B 57 22.90 -0.74 32.64
CA LEU B 57 24.00 -0.02 31.93
C LEU B 57 24.95 0.61 32.95
N ALA B 58 24.40 1.22 34.01
CA ALA B 58 25.17 1.92 35.06
C ALA B 58 26.16 0.95 35.73
N GLU B 59 25.72 -0.29 35.98
CA GLU B 59 26.58 -1.26 36.71
C GLU B 59 27.56 -1.97 35.76
N ASP B 60 27.32 -1.97 34.45
CA ASP B 60 28.33 -2.57 33.54
C ASP B 60 28.89 -1.53 32.57
N HIS B 61 30.13 -1.08 32.79
CA HIS B 61 30.80 -0.13 31.86
C HIS B 61 31.10 -0.84 30.54
N ASP B 62 31.38 -2.14 30.60
CA ASP B 62 31.76 -2.94 29.40
C ASP B 62 30.62 -2.99 28.38
N LEU B 63 29.37 -2.78 28.80
CA LEU B 63 28.22 -2.94 27.86
C LEU B 63 28.41 -2.05 26.63
N SER B 64 28.19 -2.61 25.44
CA SER B 64 28.29 -1.83 24.18
C SER B 64 26.95 -1.15 23.90
N LEU B 65 26.98 0.14 23.55
CA LEU B 65 25.73 0.89 23.26
C LEU B 65 25.04 0.29 22.04
N SER B 66 25.81 -0.13 21.03
CA SER B 66 25.24 -0.74 19.80
C SER B 66 24.65 -2.12 20.10
N ASP B 67 25.34 -2.93 20.92
CA ASP B 67 24.79 -4.26 21.32
C ASP B 67 23.40 -4.06 21.96
N LEU B 68 23.28 -3.13 22.92
CA LEU B 68 21.99 -2.84 23.60
C LEU B 68 21.02 -2.25 22.58
N GLY B 69 21.49 -1.31 21.77
CA GLY B 69 20.69 -0.68 20.71
C GLY B 69 20.04 -1.72 19.81
N LEU B 70 20.84 -2.66 19.29
CA LEU B 70 20.37 -3.69 18.33
C LEU B 70 19.38 -4.60 19.04
N SER B 71 19.66 -4.96 20.29
CA SER B 71 18.81 -5.88 21.08
C SER B 71 17.39 -5.27 21.20
N LEU B 72 17.31 -3.98 21.53
CA LEU B 72 16.03 -3.26 21.72
C LEU B 72 15.30 -3.27 20.38
N ALA B 73 16.01 -2.92 19.32
CA ALA B 73 15.48 -2.89 17.94
C ALA B 73 14.80 -4.23 17.65
N THR B 74 15.49 -5.34 17.97
CA THR B 74 15.09 -6.70 17.52
C THR B 74 14.01 -7.29 18.46
N THR B 75 13.96 -6.92 19.74
CA THR B 75 12.79 -7.17 20.62
C THR B 75 11.55 -6.43 20.06
N ARG B 76 11.75 -5.25 19.50
CA ARG B 76 10.80 -4.44 18.69
C ARG B 76 9.99 -3.52 19.63
N GLU B 80 2.20 -0.37 22.43
CA GLU B 80 1.16 0.67 22.77
C GLU B 80 1.85 1.97 23.21
N HIS B 81 2.53 1.99 24.37
CA HIS B 81 3.22 3.22 24.87
C HIS B 81 4.72 3.13 24.58
N ARG B 82 5.24 4.11 23.87
CA ARG B 82 6.58 3.99 23.23
C ARG B 82 7.44 5.20 23.62
N ALA B 83 8.75 5.05 23.44
CA ALA B 83 9.76 6.08 23.71
C ALA B 83 10.98 5.73 22.90
N VAL B 84 11.72 6.71 22.44
CA VAL B 84 13.06 6.47 21.87
C VAL B 84 14.03 7.40 22.57
N VAL B 85 15.08 6.85 23.17
CA VAL B 85 16.23 7.64 23.68
C VAL B 85 17.25 7.78 22.54
N VAL B 86 17.47 9.01 22.10
CA VAL B 86 18.49 9.34 21.07
C VAL B 86 19.76 9.81 21.77
N LEU B 87 20.90 9.15 21.53
CA LEU B 87 22.07 9.23 22.41
C LEU B 87 23.36 9.11 21.59
N GLY B 88 24.41 9.82 22.00
CA GLY B 88 25.75 9.71 21.41
C GLY B 88 26.83 9.32 22.42
N SER B 89 26.45 8.84 23.62
CA SER B 89 27.36 8.64 24.78
C SER B 89 26.65 7.87 25.89
N ARG B 90 27.43 7.27 26.78
CA ARG B 90 26.92 6.58 27.98
C ARG B 90 26.19 7.59 28.87
N GLU B 91 26.71 8.81 29.00
CA GLU B 91 26.08 9.81 29.89
C GLU B 91 24.69 10.15 29.34
N GLU B 92 24.56 10.30 28.01
CA GLU B 92 23.28 10.66 27.35
C GLU B 92 22.27 9.50 27.52
N ALA B 93 22.71 8.25 27.41
CA ALA B 93 21.82 7.07 27.55
C ALA B 93 21.28 7.03 28.98
N LEU B 94 22.15 7.25 29.95
CA LEU B 94 21.80 7.16 31.40
C LEU B 94 20.87 8.32 31.74
N GLY B 95 21.10 9.50 31.16
CA GLY B 95 20.25 10.68 31.37
C GLY B 95 18.86 10.47 30.79
N GLY B 96 18.77 9.84 29.62
CA GLY B 96 17.49 9.60 28.93
C GLY B 96 16.72 8.47 29.57
N LEU B 97 17.37 7.32 29.80
CA LEU B 97 16.69 6.20 30.46
C LEU B 97 16.34 6.65 31.89
N GLY B 98 17.17 7.50 32.50
CA GLY B 98 16.95 7.97 33.88
C GLY B 98 15.70 8.83 33.96
N ALA B 99 15.59 9.77 33.02
CA ALA B 99 14.42 10.63 32.80
C ALA B 99 13.17 9.76 32.57
N LEU B 100 13.22 8.88 31.59
CA LEU B 100 12.08 8.02 31.22
C LEU B 100 11.68 7.18 32.44
N GLY B 101 12.68 6.80 33.25
CA GLY B 101 12.52 5.87 34.37
C GLY B 101 11.81 6.51 35.55
N GLU B 102 11.80 7.85 35.61
CA GLU B 102 11.15 8.64 36.70
C GLU B 102 10.07 9.55 36.12
N GLN B 103 9.53 9.20 34.94
CA GLN B 103 8.43 9.92 34.22
C GLN B 103 8.75 11.42 34.10
N MET B 104 10.02 11.79 34.07
CA MET B 104 10.48 13.17 33.77
C MET B 104 10.73 13.29 32.28
N PRO B 105 10.33 14.41 31.66
CA PRO B 105 10.63 14.67 30.24
C PRO B 105 12.06 15.13 29.97
N ALA B 106 12.56 14.90 28.74
CA ALA B 106 13.96 15.10 28.34
C ALA B 106 14.02 15.38 26.83
N GLY B 107 14.84 16.36 26.42
CA GLY B 107 15.04 16.76 25.01
C GLY B 107 15.38 15.59 24.12
N ASN B 108 15.98 14.54 24.68
CA ASN B 108 16.53 13.41 23.90
C ASN B 108 15.69 12.15 24.17
N VAL B 109 14.48 12.30 24.71
CA VAL B 109 13.50 11.19 24.90
C VAL B 109 12.17 11.57 24.28
N VAL B 110 11.91 10.96 23.14
CA VAL B 110 10.62 11.13 22.40
C VAL B 110 9.67 10.04 22.88
N THR B 111 8.47 10.43 23.29
CA THR B 111 7.43 9.54 23.85
C THR B 111 6.16 9.70 23.02
N GLY B 112 5.25 8.74 23.13
CA GLY B 112 3.93 8.82 22.48
C GLY B 112 3.21 7.49 22.54
N ALA B 113 1.90 7.52 22.29
CA ALA B 113 1.01 6.35 22.26
C ALA B 113 0.76 6.00 20.80
N ALA B 114 0.78 4.71 20.47
CA ALA B 114 0.62 4.26 19.07
C ALA B 114 -0.87 4.16 18.71
N ASP B 115 -1.55 5.30 18.67
CA ASP B 115 -3.02 5.31 18.43
C ASP B 115 -3.35 5.73 16.98
N LEU B 116 -2.34 5.90 16.12
CA LEU B 116 -2.61 6.41 14.75
C LEU B 116 -2.62 5.26 13.74
N SER B 117 -3.46 5.37 12.70
CA SER B 117 -3.57 4.33 11.64
C SER B 117 -2.23 4.19 10.92
N GLY B 118 -1.53 5.31 10.71
CA GLY B 118 -0.22 5.28 10.05
C GLY B 118 -0.26 5.53 8.56
N LYS B 119 -1.44 5.88 8.00
CA LYS B 119 -1.43 6.25 6.56
C LYS B 119 -0.52 7.47 6.50
N THR B 120 0.52 7.45 5.65
CA THR B 120 1.52 8.55 5.70
C THR B 120 1.54 9.39 4.42
N VAL B 121 1.64 10.71 4.58
CA VAL B 121 1.76 11.63 3.41
C VAL B 121 3.12 12.32 3.52
N PHE B 122 3.84 12.44 2.42
CA PHE B 122 5.12 13.21 2.48
C PHE B 122 4.82 14.63 1.98
N VAL B 123 5.12 15.64 2.79
CA VAL B 123 4.81 17.05 2.43
C VAL B 123 6.09 17.73 1.95
N PHE B 124 6.03 18.36 0.78
CA PHE B 124 7.23 19.02 0.20
C PHE B 124 7.03 20.54 0.21
N PRO B 125 7.62 21.32 1.15
CA PRO B 125 7.35 22.76 1.21
C PRO B 125 8.14 23.63 0.22
N GLY B 126 7.77 24.91 0.13
CA GLY B 126 8.51 25.87 -0.71
C GLY B 126 9.65 26.49 0.06
N GLN B 127 10.09 27.69 -0.32
CA GLN B 127 11.25 28.35 0.33
C GLN B 127 10.93 28.73 1.78
N GLY B 128 11.97 28.97 2.59
CA GLY B 128 11.80 29.32 4.02
C GLY B 128 12.29 28.23 4.95
N SER B 129 12.59 27.03 4.45
CA SER B 129 13.18 25.98 5.32
C SER B 129 14.71 26.05 5.24
N GLN B 130 15.26 26.90 4.37
CA GLN B 130 16.73 26.94 4.14
C GLN B 130 17.53 27.49 5.33
N TRP B 131 18.67 26.86 5.63
CA TRP B 131 19.60 27.42 6.65
C TRP B 131 21.03 27.04 6.24
N ALA B 132 22.03 27.85 6.58
CA ALA B 132 23.41 27.58 6.11
C ALA B 132 23.93 26.28 6.73
N GLY B 133 24.55 25.42 5.92
CA GLY B 133 25.08 24.13 6.41
C GLY B 133 23.99 23.13 6.73
N MET B 134 22.83 23.24 6.07
CA MET B 134 21.68 22.36 6.39
C MET B 134 21.96 20.88 6.14
N ALA B 135 22.59 20.52 5.02
CA ALA B 135 22.75 19.08 4.71
C ALA B 135 24.16 18.56 5.00
N VAL B 136 25.05 19.40 5.53
CA VAL B 136 26.48 18.98 5.72
C VAL B 136 26.58 17.80 6.70
N GLU B 137 25.88 17.87 7.83
CA GLU B 137 26.02 16.81 8.86
C GLU B 137 25.51 15.48 8.30
N LEU B 138 24.37 15.51 7.59
CA LEU B 138 23.78 14.27 7.01
C LEU B 138 24.67 13.69 5.91
N LEU B 139 25.29 14.54 5.10
CA LEU B 139 26.22 14.02 4.06
C LEU B 139 27.36 13.26 4.75
N ASP B 140 27.92 13.84 5.80
CA ASP B 140 29.04 13.20 6.55
C ASP B 140 28.57 11.97 7.33
N SER B 141 27.39 12.03 7.96
CA SER B 141 26.96 10.91 8.86
C SER B 141 26.07 9.86 8.17
N SER B 142 25.35 10.21 7.10
CA SER B 142 24.41 9.22 6.51
C SER B 142 24.83 8.84 5.09
N PRO B 143 25.25 7.58 4.84
CA PRO B 143 25.56 7.12 3.48
C PRO B 143 24.37 7.15 2.51
N VAL B 144 23.19 6.75 2.98
CA VAL B 144 21.98 6.73 2.10
C VAL B 144 21.68 8.15 1.64
N PHE B 145 21.73 9.11 2.57
CA PHE B 145 21.43 10.53 2.21
C PHE B 145 22.49 11.01 1.23
N ALA B 146 23.76 10.69 1.49
CA ALA B 146 24.86 11.16 0.61
C ALA B 146 24.69 10.60 -0.80
N ALA B 147 24.35 9.31 -0.90
CA ALA B 147 24.21 8.67 -2.23
C ALA B 147 23.05 9.30 -3.00
N ARG B 148 21.91 9.51 -2.35
CA ARG B 148 20.74 10.12 -3.01
C ARG B 148 21.07 11.57 -3.37
N PHE B 149 21.75 12.27 -2.47
CA PHE B 149 22.08 13.70 -2.70
C PHE B 149 22.97 13.80 -3.93
N ALA B 150 23.95 12.90 -4.06
CA ALA B 150 24.88 12.91 -5.23
C ALA B 150 24.09 12.64 -6.51
N GLU B 151 23.17 11.68 -6.47
CA GLU B 151 22.37 11.34 -7.68
C GLU B 151 21.49 12.53 -8.09
N VAL B 152 20.80 13.13 -7.13
CA VAL B 152 19.91 14.30 -7.41
C VAL B 152 20.78 15.51 -7.83
N ALA B 153 21.88 15.74 -7.11
CA ALA B 153 22.78 16.85 -7.45
C ALA B 153 23.28 16.65 -8.88
N GLY B 154 23.57 15.41 -9.26
CA GLY B 154 24.09 15.11 -10.61
C GLY B 154 23.07 15.50 -11.67
N ALA B 155 21.79 15.20 -11.42
CA ALA B 155 20.73 15.55 -12.39
C ALA B 155 20.65 17.07 -12.57
N VAL B 156 20.67 17.84 -11.47
CA VAL B 156 20.64 19.32 -11.55
C VAL B 156 21.96 19.84 -12.15
N GLU B 157 23.09 19.21 -11.81
CA GLU B 157 24.43 19.69 -12.29
C GLU B 157 24.52 19.58 -13.80
N ALA B 158 23.72 18.70 -14.42
CA ALA B 158 23.69 18.64 -15.89
C ALA B 158 23.20 19.99 -16.43
N TYR B 159 22.25 20.63 -15.75
CA TYR B 159 21.65 21.90 -16.25
C TYR B 159 22.28 23.14 -15.58
N VAL B 160 23.24 22.96 -14.66
CA VAL B 160 23.84 24.12 -13.93
C VAL B 160 25.37 24.03 -13.99
N ASP B 161 26.05 25.16 -13.80
CA ASP B 161 27.53 25.18 -13.90
C ASP B 161 28.15 25.27 -12.50
N TRP B 162 27.38 24.92 -11.46
CA TRP B 162 27.87 24.99 -10.06
C TRP B 162 27.58 23.68 -9.34
N SER B 163 28.29 23.41 -8.24
CA SER B 163 28.09 22.16 -7.47
C SER B 163 27.15 22.41 -6.28
N VAL B 164 26.09 21.62 -6.17
CA VAL B 164 25.11 21.77 -5.05
C VAL B 164 25.83 21.48 -3.72
N GLU B 165 26.67 20.45 -3.69
CA GLU B 165 27.35 20.07 -2.42
C GLU B 165 28.24 21.21 -1.93
N SER B 166 28.96 21.88 -2.84
CA SER B 166 29.83 23.00 -2.45
C SER B 166 29.01 24.16 -1.89
N VAL B 167 27.85 24.44 -2.50
CA VAL B 167 26.95 25.53 -1.99
C VAL B 167 26.47 25.13 -0.58
N VAL B 168 26.12 23.86 -0.39
CA VAL B 168 25.67 23.36 0.94
C VAL B 168 26.81 23.50 1.94
N ARG B 169 28.05 23.16 1.54
CA ARG B 169 29.19 23.18 2.49
C ARG B 169 29.71 24.61 2.66
N GLY B 170 29.04 25.59 2.06
CA GLY B 170 29.46 27.00 2.18
C GLY B 170 30.89 27.20 1.69
N ALA B 171 31.25 26.53 0.60
CA ALA B 171 32.63 26.62 0.07
C ALA B 171 32.89 28.02 -0.49
N ASP B 172 34.15 28.47 -0.46
CA ASP B 172 34.49 29.78 -1.04
C ASP B 172 34.35 29.69 -2.56
N GLU B 173 34.03 30.81 -3.22
CA GLU B 173 33.83 30.82 -4.70
C GLU B 173 32.65 29.91 -5.06
N ALA B 174 31.62 29.86 -4.22
CA ALA B 174 30.41 29.08 -4.52
C ALA B 174 29.22 30.04 -4.53
N PRO B 175 28.22 29.88 -5.43
CA PRO B 175 27.12 30.85 -5.52
C PRO B 175 26.28 30.93 -4.24
N SER B 176 25.82 32.14 -3.89
CA SER B 176 25.06 32.35 -2.63
C SER B 176 23.69 31.68 -2.65
N LEU B 177 23.29 31.07 -1.53
CA LEU B 177 21.94 30.44 -1.40
C LEU B 177 20.88 31.54 -1.52
N ASP B 178 21.25 32.78 -1.21
CA ASP B 178 20.29 33.93 -1.27
C ASP B 178 19.75 34.07 -2.69
N ARG B 179 20.57 33.81 -3.71
CA ARG B 179 20.05 33.84 -5.10
C ARG B 179 18.95 32.78 -5.25
N ILE B 180 17.81 33.15 -5.82
CA ILE B 180 16.65 32.21 -5.97
C ILE B 180 17.04 31.07 -6.93
N GLU B 181 17.79 31.38 -7.99
CA GLU B 181 18.17 30.36 -8.99
C GLU B 181 19.00 29.28 -8.30
N ILE B 182 19.90 29.67 -7.39
CA ILE B 182 20.68 28.67 -6.59
C ILE B 182 19.79 27.99 -5.55
N LEU B 183 18.92 28.75 -4.86
CA LEU B 183 18.14 28.20 -3.71
C LEU B 183 17.17 27.07 -4.09
N GLN B 184 16.39 27.23 -5.16
CA GLN B 184 15.34 26.22 -5.46
C GLN B 184 15.94 24.84 -5.78
N PRO B 185 16.98 24.69 -6.62
CA PRO B 185 17.61 23.38 -6.87
C PRO B 185 18.26 22.76 -5.63
N VAL B 186 18.93 23.57 -4.81
CA VAL B 186 19.56 23.05 -3.56
C VAL B 186 18.45 22.52 -2.65
N LEU B 187 17.35 23.27 -2.51
CA LEU B 187 16.21 22.82 -1.66
C LEU B 187 15.62 21.54 -2.26
N PHE B 188 15.51 21.49 -3.59
CA PHE B 188 14.94 20.31 -4.28
C PHE B 188 15.83 19.10 -3.97
N THR B 189 17.15 19.27 -4.05
CA THR B 189 18.08 18.15 -3.78
C THR B 189 17.93 17.69 -2.33
N VAL B 190 17.88 18.63 -1.38
CA VAL B 190 17.79 18.26 0.06
C VAL B 190 16.47 17.55 0.32
N MET B 191 15.36 18.05 -0.23
CA MET B 191 14.03 17.46 0.05
C MET B 191 13.93 16.03 -0.51
N VAL B 192 14.39 15.82 -1.74
CA VAL B 192 14.33 14.47 -2.38
C VAL B 192 15.23 13.50 -1.60
N SER B 193 16.43 13.95 -1.24
CA SER B 193 17.39 13.08 -0.51
C SER B 193 16.84 12.71 0.87
N LEU B 194 16.18 13.65 1.55
CA LEU B 194 15.59 13.39 2.89
C LEU B 194 14.51 12.31 2.78
N ALA B 195 13.72 12.35 1.70
CA ALA B 195 12.64 11.37 1.51
C ALA B 195 13.26 9.97 1.41
N ALA B 196 14.39 9.85 0.72
CA ALA B 196 15.10 8.56 0.59
C ALA B 196 15.56 8.06 1.96
N LEU B 197 16.02 8.98 2.82
CA LEU B 197 16.47 8.61 4.19
C LEU B 197 15.30 8.04 4.98
N TRP B 198 14.10 8.62 4.85
CA TRP B 198 12.90 8.06 5.52
C TRP B 198 12.60 6.67 4.96
N ARG B 199 12.73 6.50 3.64
CA ARG B 199 12.44 5.19 2.98
C ARG B 199 13.43 4.14 3.51
N ALA B 200 14.70 4.52 3.67
CA ALA B 200 15.73 3.60 4.21
C ALA B 200 15.34 3.20 5.64
N ALA B 201 14.79 4.15 6.41
CA ALA B 201 14.35 3.89 7.80
C ALA B 201 13.10 3.01 7.80
N GLY B 202 12.48 2.82 6.63
CA GLY B 202 11.26 1.98 6.53
C GLY B 202 9.99 2.80 6.52
N VAL B 203 10.09 4.12 6.46
CA VAL B 203 8.86 4.97 6.34
C VAL B 203 8.62 5.26 4.86
N VAL B 204 7.54 4.71 4.31
CA VAL B 204 7.26 4.88 2.85
C VAL B 204 5.94 5.68 2.71
N PRO B 205 5.92 6.77 1.94
CA PRO B 205 4.70 7.57 1.76
C PRO B 205 3.59 6.83 1.01
N ASP B 206 2.34 6.96 1.47
CA ASP B 206 1.19 6.40 0.74
C ASP B 206 0.66 7.49 -0.20
N ALA B 207 1.09 8.73 0.02
CA ALA B 207 0.70 9.87 -0.86
C ALA B 207 1.78 10.96 -0.78
N VAL B 208 1.82 11.85 -1.76
CA VAL B 208 2.80 12.99 -1.71
C VAL B 208 2.04 14.31 -1.92
N VAL B 209 2.42 15.36 -1.18
CA VAL B 209 1.81 16.70 -1.37
C VAL B 209 2.95 17.71 -1.51
N GLY B 210 2.83 18.67 -2.43
CA GLY B 210 3.86 19.70 -2.59
C GLY B 210 3.30 21.09 -2.48
N HIS B 211 4.10 22.05 -2.03
CA HIS B 211 3.67 23.47 -1.96
C HIS B 211 4.54 24.27 -2.91
N SER B 212 3.95 24.84 -3.96
CA SER B 212 4.71 25.66 -4.95
C SER B 212 5.83 24.82 -5.59
N GLN B 213 7.08 25.25 -5.46
CA GLN B 213 8.25 24.52 -6.03
C GLN B 213 8.34 23.12 -5.40
N GLY B 214 7.75 22.92 -4.22
CA GLY B 214 7.76 21.62 -3.54
C GLY B 214 7.09 20.54 -4.36
N GLU B 215 6.12 20.90 -5.19
CA GLU B 215 5.44 19.92 -6.08
C GLU B 215 6.47 19.26 -7.00
N ILE B 216 7.45 20.03 -7.49
CA ILE B 216 8.54 19.47 -8.34
C ILE B 216 9.25 18.36 -7.55
N ALA B 217 9.62 18.64 -6.30
CA ALA B 217 10.29 17.62 -5.45
C ALA B 217 9.34 16.45 -5.20
N ALA B 218 8.06 16.75 -4.96
CA ALA B 218 7.06 15.68 -4.67
C ALA B 218 6.92 14.77 -5.89
N ALA B 219 6.90 15.36 -7.10
CA ALA B 219 6.79 14.54 -8.33
C ALA B 219 8.00 13.59 -8.44
N ALA B 220 9.22 14.09 -8.19
CA ALA B 220 10.47 13.30 -8.20
C ALA B 220 10.36 12.13 -7.21
N VAL B 221 9.91 12.38 -5.98
CA VAL B 221 9.78 11.35 -4.92
C VAL B 221 8.71 10.30 -5.32
N SER B 222 7.55 10.72 -5.84
CA SER B 222 6.48 9.78 -6.30
C SER B 222 6.91 9.07 -7.59
N GLY B 223 7.83 9.66 -8.35
CA GLY B 223 8.38 9.09 -9.61
C GLY B 223 7.59 9.53 -10.84
N ALA B 224 6.67 10.48 -10.64
CA ALA B 224 5.77 11.03 -11.68
C ALA B 224 6.60 11.80 -12.72
N LEU B 225 7.69 12.46 -12.29
CA LEU B 225 8.78 12.90 -13.19
C LEU B 225 10.05 12.09 -12.91
N SER B 226 10.76 11.68 -13.96
CA SER B 226 12.20 11.31 -13.91
C SER B 226 12.94 12.37 -13.09
N LEU B 227 13.96 11.94 -12.36
CA LEU B 227 14.93 12.85 -11.69
C LEU B 227 15.40 13.93 -12.69
N GLY B 228 15.79 13.54 -13.90
CA GLY B 228 16.31 14.44 -14.97
C GLY B 228 15.32 15.55 -15.32
N ASP B 229 14.05 15.21 -15.51
CA ASP B 229 12.99 16.19 -15.90
C ASP B 229 12.73 17.16 -14.73
N ALA B 230 12.44 16.63 -13.54
CA ALA B 230 12.12 17.43 -12.33
C ALA B 230 13.26 18.39 -12.04
N ALA B 231 14.51 17.93 -12.14
CA ALA B 231 15.75 18.73 -11.98
C ALA B 231 15.70 19.94 -12.93
N GLN B 232 15.44 19.71 -14.22
CA GLN B 232 15.50 20.76 -15.27
C GLN B 232 14.32 21.73 -15.07
N VAL B 233 13.16 21.23 -14.64
CA VAL B 233 11.98 22.09 -14.33
C VAL B 233 12.37 23.11 -13.24
N VAL B 234 12.89 22.66 -12.09
CA VAL B 234 13.22 23.56 -10.96
C VAL B 234 14.30 24.54 -11.43
N VAL B 235 15.31 24.06 -12.16
CA VAL B 235 16.50 24.87 -12.53
C VAL B 235 16.02 26.00 -13.46
N LEU B 236 15.23 25.64 -14.47
CA LEU B 236 14.83 26.57 -15.55
C LEU B 236 13.75 27.53 -15.03
N ARG B 237 12.83 27.07 -14.20
CA ARG B 237 11.78 28.00 -13.70
C ARG B 237 12.43 29.05 -12.79
N SER B 238 13.25 28.61 -11.84
CA SER B 238 14.00 29.47 -10.88
C SER B 238 14.94 30.41 -11.66
N GLN B 239 15.47 29.96 -12.81
CA GLN B 239 16.33 30.82 -13.67
C GLN B 239 15.46 31.92 -14.31
N LEU B 240 14.29 31.57 -14.81
CA LEU B 240 13.36 32.54 -15.46
C LEU B 240 12.95 33.60 -14.44
N PHE B 241 12.60 33.16 -13.22
CA PHE B 241 12.14 34.03 -12.11
C PHE B 241 13.25 35.03 -11.74
N ALA B 242 14.50 34.56 -11.64
CA ALA B 242 15.72 35.37 -11.39
C ALA B 242 15.89 36.41 -12.49
N ASP B 243 15.67 36.02 -13.76
CA ASP B 243 15.82 36.94 -14.92
C ASP B 243 14.74 38.03 -14.88
N GLU B 244 13.50 37.68 -14.53
CA GLU B 244 12.28 38.44 -14.95
C GLU B 244 11.59 39.08 -13.74
N LEU B 245 11.60 38.45 -12.57
CA LEU B 245 10.63 38.76 -11.48
C LEU B 245 11.36 39.37 -10.29
N VAL B 246 12.62 38.99 -10.10
CA VAL B 246 13.40 39.46 -8.91
C VAL B 246 13.34 40.99 -8.92
N GLY B 247 13.18 41.58 -7.74
CA GLY B 247 13.16 43.04 -7.52
C GLY B 247 11.79 43.62 -7.73
N LYS B 248 10.89 42.89 -8.40
CA LYS B 248 9.56 43.40 -8.82
C LYS B 248 8.44 42.87 -7.90
N GLY B 249 8.75 41.89 -7.03
CA GLY B 249 7.75 41.10 -6.30
C GLY B 249 8.36 40.25 -5.19
N ALA B 250 7.54 39.90 -4.20
CA ALA B 250 7.87 38.87 -3.20
C ALA B 250 6.58 38.24 -2.65
N VAL B 251 6.70 37.18 -1.84
CA VAL B 251 5.57 36.55 -1.09
C VAL B 251 5.88 36.71 0.41
N ALA B 252 4.87 37.09 1.21
CA ALA B 252 4.93 37.16 2.68
C ALA B 252 3.94 36.17 3.30
N SER B 253 4.31 35.59 4.42
CA SER B 253 3.44 34.74 5.28
C SER B 253 2.75 35.61 6.32
N VAL B 254 1.45 35.40 6.47
CA VAL B 254 0.59 36.23 7.36
C VAL B 254 -0.24 35.29 8.21
N SER B 255 -0.26 35.52 9.52
CA SER B 255 -0.95 34.66 10.50
C SER B 255 -2.38 35.18 10.70
N LEU B 256 -3.17 35.19 9.64
CA LEU B 256 -4.55 35.72 9.72
C LEU B 256 -5.47 34.92 8.80
N PRO B 257 -6.79 34.87 9.04
CA PRO B 257 -7.71 34.22 8.11
C PRO B 257 -7.74 35.04 6.81
N ALA B 258 -8.10 34.42 5.69
CA ALA B 258 -8.03 35.12 4.39
C ALA B 258 -8.92 36.36 4.36
N ALA B 259 -10.11 36.31 4.95
CA ALA B 259 -11.05 37.44 4.87
C ALA B 259 -10.43 38.68 5.54
N GLU B 260 -9.79 38.48 6.70
CA GLU B 260 -9.14 39.61 7.42
C GLU B 260 -8.01 40.19 6.56
N VAL B 261 -7.23 39.33 5.90
CA VAL B 261 -6.09 39.78 5.04
C VAL B 261 -6.62 40.60 3.86
N GLU B 262 -7.70 40.14 3.20
CA GLU B 262 -8.28 40.87 2.05
C GLU B 262 -8.70 42.26 2.52
N ALA B 263 -9.14 42.35 3.78
CA ALA B 263 -9.63 43.63 4.36
C ALA B 263 -8.47 44.61 4.48
N ARG B 264 -7.26 44.11 4.79
CA ARG B 264 -6.07 44.95 5.07
C ARG B 264 -5.38 45.30 3.76
N ILE B 265 -5.63 44.49 2.72
CA ILE B 265 -4.99 44.56 1.38
C ILE B 265 -5.72 45.60 0.51
N ALA B 266 -7.04 45.74 0.65
CA ALA B 266 -7.93 46.51 -0.26
C ALA B 266 -7.35 47.92 -0.50
N ARG B 267 -6.73 48.54 0.52
CA ARG B 267 -6.29 49.95 0.48
C ARG B 267 -5.04 50.11 -0.40
N PHE B 268 -4.24 49.05 -0.57
CA PHE B 268 -3.05 49.06 -1.47
C PHE B 268 -3.51 48.90 -2.93
N ASN B 269 -4.73 48.44 -3.15
CA ASN B 269 -5.18 48.13 -4.54
C ASN B 269 -6.19 49.16 -5.03
N GLY B 270 -6.07 50.41 -4.57
CA GLY B 270 -7.01 51.47 -5.01
C GLY B 270 -6.92 51.71 -6.50
N ASP B 271 -5.70 51.77 -7.04
CA ASP B 271 -5.51 52.05 -8.49
C ASP B 271 -5.24 50.75 -9.25
N ALA B 272 -4.36 49.89 -8.73
CA ALA B 272 -4.00 48.64 -9.44
C ALA B 272 -3.78 47.51 -8.43
N GLU B 273 -3.92 46.25 -8.87
CA GLU B 273 -3.78 45.08 -7.96
C GLU B 273 -2.30 44.84 -7.64
N LEU B 274 -1.77 45.54 -6.63
CA LEU B 274 -0.37 45.33 -6.18
C LEU B 274 -0.26 44.02 -5.41
N LEU B 275 -1.33 43.62 -4.71
CA LEU B 275 -1.30 42.61 -3.61
C LEU B 275 -2.46 41.62 -3.81
N SER B 276 -2.18 40.33 -3.70
CA SER B 276 -3.22 39.27 -3.76
C SER B 276 -2.82 38.11 -2.85
N ILE B 277 -3.83 37.35 -2.40
CA ILE B 277 -3.64 36.11 -1.59
C ILE B 277 -3.09 35.02 -2.51
N ALA B 278 -1.93 34.48 -2.14
CA ALA B 278 -1.09 33.55 -2.91
C ALA B 278 -1.25 32.11 -2.42
N GLY B 279 -1.84 31.91 -1.23
CA GLY B 279 -1.82 30.61 -0.53
C GLY B 279 -2.78 30.55 0.66
N ASN B 280 -3.38 29.38 0.89
CA ASN B 280 -4.16 29.03 2.10
C ASN B 280 -3.45 27.87 2.82
N ASN B 281 -2.77 28.13 3.93
CA ASN B 281 -1.86 27.12 4.56
C ASN B 281 -2.54 26.47 5.76
N GLY B 282 -3.38 27.24 6.45
CA GLY B 282 -4.33 26.72 7.44
C GLY B 282 -5.41 27.74 7.69
N PRO B 283 -6.31 27.48 8.65
CA PRO B 283 -7.42 28.40 8.95
C PRO B 283 -6.98 29.83 9.27
N ARG B 284 -5.81 30.03 9.88
CA ARG B 284 -5.35 31.35 10.38
C ARG B 284 -3.99 31.66 9.74
N SER B 285 -3.76 31.17 8.53
CA SER B 285 -2.39 31.18 7.99
C SER B 285 -2.44 31.26 6.47
N VAL B 286 -2.12 32.43 5.91
CA VAL B 286 -2.15 32.61 4.43
C VAL B 286 -0.86 33.28 3.97
N THR B 287 -0.68 33.34 2.65
CA THR B 287 0.44 34.06 1.99
C THR B 287 -0.14 35.17 1.13
N VAL B 288 0.57 36.29 1.05
CA VAL B 288 0.28 37.43 0.12
C VAL B 288 1.46 37.57 -0.83
N ALA B 289 1.15 37.75 -2.11
CA ALA B 289 2.14 38.02 -3.19
C ALA B 289 1.85 39.41 -3.77
N GLY B 290 2.91 40.19 -3.99
CA GLY B 290 2.86 41.40 -4.84
C GLY B 290 4.08 42.29 -4.65
N GLN B 291 3.94 43.57 -4.96
CA GLN B 291 5.08 44.52 -5.10
C GLN B 291 5.76 44.66 -3.73
N VAL B 292 7.09 44.73 -3.72
CA VAL B 292 7.93 44.59 -2.48
C VAL B 292 7.52 45.69 -1.51
N ALA B 293 7.41 46.93 -1.99
CA ALA B 293 7.15 48.12 -1.15
C ALA B 293 5.78 47.99 -0.47
N ALA B 294 4.74 47.53 -1.18
CA ALA B 294 3.36 47.38 -0.65
C ALA B 294 3.36 46.25 0.37
N LEU B 295 4.02 45.15 0.02
CA LEU B 295 4.19 43.96 0.90
C LEU B 295 4.91 44.38 2.19
N GLU B 296 6.05 45.06 2.08
CA GLU B 296 6.90 45.38 3.26
C GLU B 296 6.13 46.32 4.18
N GLU B 297 5.26 47.17 3.63
CA GLU B 297 4.44 48.14 4.39
C GLU B 297 3.31 47.38 5.09
N LEU B 298 2.70 46.42 4.39
CA LEU B 298 1.65 45.54 4.94
C LEU B 298 2.23 44.79 6.14
N VAL B 299 3.37 44.13 5.93
CA VAL B 299 4.11 43.33 6.94
C VAL B 299 4.45 44.23 8.14
N ALA B 300 4.89 45.46 7.90
CA ALA B 300 5.26 46.42 8.97
C ALA B 300 4.00 46.81 9.75
N GLU B 301 2.94 47.19 9.04
CA GLU B 301 1.61 47.52 9.63
C GLU B 301 1.15 46.35 10.50
N LEU B 302 1.42 45.10 10.10
CA LEU B 302 0.86 43.90 10.78
C LEU B 302 1.70 43.57 12.02
N GLU B 303 3.02 43.71 11.92
CA GLU B 303 3.95 43.49 13.05
C GLU B 303 3.60 44.46 14.18
N ALA B 304 3.35 45.73 13.84
CA ALA B 304 3.14 46.84 14.78
C ALA B 304 1.98 46.50 15.72
N GLU B 305 0.91 45.92 15.19
CA GLU B 305 -0.32 45.58 15.97
C GLU B 305 -0.39 44.07 16.24
N GLY B 306 0.77 43.40 16.33
CA GLY B 306 0.94 42.16 17.11
C GLY B 306 0.93 40.91 16.24
N VAL B 307 0.62 41.05 14.94
CA VAL B 307 0.36 39.89 14.03
C VAL B 307 1.68 39.39 13.47
N ARG B 308 1.84 38.07 13.35
CA ARG B 308 3.04 37.46 12.73
C ARG B 308 2.94 37.59 11.21
N ALA B 309 3.91 38.28 10.62
CA ALA B 309 3.97 38.58 9.18
C ALA B 309 5.45 38.74 8.78
N LYS B 310 5.86 38.09 7.71
CA LYS B 310 7.29 37.99 7.35
C LYS B 310 7.37 37.75 5.84
N VAL B 311 8.03 38.65 5.13
CA VAL B 311 8.44 38.39 3.71
C VAL B 311 9.27 37.10 3.72
N ILE B 312 8.89 36.11 2.92
CA ILE B 312 9.60 34.80 2.83
C ILE B 312 10.86 35.00 1.97
N GLY B 313 12.02 35.03 2.62
CA GLY B 313 13.33 34.65 2.06
C GLY B 313 13.63 35.41 0.79
N SER B 314 13.89 34.68 -0.30
CA SER B 314 14.40 35.27 -1.58
C SER B 314 13.32 35.07 -2.65
N THR B 315 12.05 35.16 -2.26
CA THR B 315 10.92 34.76 -3.12
C THR B 315 10.68 35.85 -4.15
N VAL B 316 9.96 35.52 -5.22
CA VAL B 316 9.53 36.54 -6.21
C VAL B 316 7.99 36.56 -6.10
N ALA B 317 7.29 37.36 -6.89
CA ALA B 317 5.81 37.40 -6.70
C ALA B 317 5.17 36.25 -7.48
N SER B 318 5.39 35.01 -7.03
CA SER B 318 4.73 33.84 -7.65
C SER B 318 3.28 33.81 -7.15
N HIS B 319 2.42 33.02 -7.80
CA HIS B 319 1.00 32.90 -7.37
C HIS B 319 0.35 34.28 -7.43
N CYS B 320 0.72 35.07 -8.45
CA CYS B 320 0.16 36.43 -8.62
C CYS B 320 -0.02 36.67 -10.12
N ALA B 321 -0.68 37.77 -10.49
CA ALA B 321 -0.86 38.14 -11.92
C ALA B 321 0.50 38.47 -12.57
N GLN B 322 1.57 38.59 -11.76
CA GLN B 322 2.94 38.86 -12.26
C GLN B 322 3.47 37.68 -13.09
N VAL B 323 2.75 36.56 -13.11
CA VAL B 323 3.21 35.30 -13.75
C VAL B 323 2.63 35.24 -15.16
N ASP B 324 1.54 35.98 -15.41
CA ASP B 324 0.73 35.90 -16.65
C ASP B 324 1.61 36.25 -17.85
N PRO B 325 2.43 37.33 -17.81
CA PRO B 325 3.28 37.70 -18.94
C PRO B 325 4.29 36.61 -19.34
N LEU B 326 4.65 35.75 -18.39
CA LEU B 326 5.70 34.69 -18.56
C LEU B 326 5.06 33.40 -19.08
N HIS B 327 3.75 33.39 -19.36
CA HIS B 327 2.95 32.17 -19.67
C HIS B 327 3.60 31.40 -20.84
N GLU B 328 3.64 31.97 -22.04
CA GLU B 328 4.04 31.23 -23.27
C GLU B 328 5.53 30.88 -23.21
N ARG B 329 6.35 31.74 -22.59
CA ARG B 329 7.79 31.46 -22.38
C ARG B 329 7.92 30.22 -21.50
N ILE B 330 6.98 30.00 -20.58
CA ILE B 330 7.09 28.90 -19.57
C ILE B 330 6.65 27.61 -20.24
N LEU B 331 5.55 27.66 -20.99
CA LEU B 331 5.12 26.53 -21.87
C LEU B 331 6.29 26.13 -22.76
N ASP B 332 7.03 27.10 -23.30
CA ASP B 332 8.21 26.86 -24.21
C ASP B 332 9.35 26.19 -23.43
N LEU B 333 9.63 26.65 -22.20
CA LEU B 333 10.83 26.22 -21.42
C LEU B 333 10.69 24.76 -20.98
N LEU B 334 9.46 24.30 -20.75
CA LEU B 334 9.19 23.05 -20.00
C LEU B 334 8.48 22.03 -20.91
N SER B 335 8.45 22.26 -22.23
CA SER B 335 7.73 21.39 -23.22
C SER B 335 8.46 20.05 -23.39
N PHE B 336 9.69 19.93 -22.86
CA PHE B 336 10.50 18.67 -22.85
C PHE B 336 9.88 17.65 -21.88
N VAL B 337 9.01 18.11 -20.98
CA VAL B 337 8.55 17.34 -19.78
C VAL B 337 7.77 16.10 -20.24
N GLN B 338 8.02 14.96 -19.58
CA GLN B 338 7.43 13.62 -19.88
C GLN B 338 6.83 13.04 -18.61
N PRO B 339 5.62 13.47 -18.21
CA PRO B 339 4.97 12.91 -17.02
C PRO B 339 4.49 11.46 -17.24
N ARG B 340 4.15 10.76 -16.16
CA ARG B 340 3.99 9.28 -16.12
C ARG B 340 3.44 8.90 -14.74
N GLU B 341 2.72 7.78 -14.63
CA GLU B 341 2.16 7.28 -13.33
C GLU B 341 3.31 7.06 -12.34
N GLY B 342 3.25 7.73 -11.18
CA GLY B 342 4.16 7.50 -10.03
C GLY B 342 3.74 6.28 -9.23
N SER B 343 4.57 5.85 -8.29
CA SER B 343 4.28 4.73 -7.35
C SER B 343 3.06 5.08 -6.50
N VAL B 344 2.75 6.38 -6.40
CA VAL B 344 2.01 6.98 -5.25
C VAL B 344 1.33 8.25 -5.73
N PRO B 345 0.02 8.39 -5.42
CA PRO B 345 -0.75 9.58 -5.77
C PRO B 345 -0.12 10.91 -5.32
N LEU B 346 -0.33 11.97 -6.10
CA LEU B 346 -0.01 13.36 -5.72
C LEU B 346 -1.33 14.14 -5.51
N TYR B 347 -1.55 14.67 -4.30
CA TYR B 347 -2.62 15.66 -4.00
C TYR B 347 -2.15 17.05 -4.47
N SER B 348 -2.63 17.45 -5.65
CA SER B 348 -2.29 18.76 -6.27
C SER B 348 -2.85 19.89 -5.40
N THR B 349 -1.99 20.87 -5.11
CA THR B 349 -2.34 22.14 -4.44
C THR B 349 -2.60 23.22 -5.49
N VAL B 350 -2.94 22.80 -6.71
CA VAL B 350 -3.25 23.72 -7.85
C VAL B 350 -4.68 23.42 -8.32
N ASN B 351 -4.98 22.15 -8.61
CA ASN B 351 -6.25 21.69 -9.25
C ASN B 351 -7.30 21.34 -8.19
N GLY B 352 -6.87 21.14 -6.94
CA GLY B 352 -7.57 20.31 -5.95
C GLY B 352 -8.02 18.96 -6.51
N GLU B 353 -7.17 18.31 -7.33
CA GLU B 353 -7.41 16.96 -7.88
C GLU B 353 -6.35 16.00 -7.30
N VAL B 354 -6.71 14.73 -7.15
CA VAL B 354 -5.74 13.63 -6.89
C VAL B 354 -5.19 13.16 -8.24
N LEU B 355 -3.89 13.35 -8.47
CA LEU B 355 -3.21 13.06 -9.77
C LEU B 355 -2.42 11.75 -9.66
N ASN B 356 -2.54 10.86 -10.65
CA ASN B 356 -1.73 9.63 -10.81
C ASN B 356 -0.26 10.03 -11.05
N GLY B 357 -0.02 11.20 -11.67
CA GLY B 357 1.33 11.66 -12.06
C GLY B 357 1.43 12.03 -13.54
N ALA B 358 0.68 11.36 -14.42
CA ALA B 358 0.83 11.44 -15.90
C ALA B 358 0.38 12.82 -16.41
N GLU B 359 -0.39 13.57 -15.61
CA GLU B 359 -1.06 14.83 -16.06
C GLU B 359 -0.24 16.06 -15.64
N LEU B 360 1.02 15.87 -15.26
CA LEU B 360 1.92 16.94 -14.75
C LEU B 360 2.72 17.54 -15.90
N ASP B 361 2.02 18.01 -16.95
CA ASP B 361 2.63 18.48 -18.22
C ASP B 361 3.09 19.92 -18.02
N ALA B 362 3.68 20.53 -19.06
CA ALA B 362 4.19 21.92 -19.04
C ALA B 362 3.10 22.88 -18.56
N SER B 363 1.84 22.67 -18.96
CA SER B 363 0.73 23.61 -18.66
C SER B 363 0.35 23.48 -17.18
N TYR B 364 0.49 22.28 -16.60
CA TYR B 364 0.32 22.10 -15.13
C TYR B 364 1.40 22.91 -14.38
N TRP B 365 2.64 22.91 -14.87
CA TRP B 365 3.79 23.61 -14.21
C TRP B 365 3.66 25.14 -14.35
N PHE B 366 2.89 25.64 -15.32
CA PHE B 366 2.65 27.10 -15.36
C PHE B 366 1.61 27.41 -14.28
N GLU B 367 0.56 26.58 -14.20
CA GLU B 367 -0.53 26.79 -13.21
C GLU B 367 0.06 26.69 -11.80
N ASN B 368 1.06 25.84 -11.61
CA ASN B 368 1.67 25.63 -10.26
C ASN B 368 2.22 26.97 -9.75
N CYS B 369 2.86 27.75 -10.60
CA CYS B 369 3.49 29.03 -10.14
C CYS B 369 2.54 30.23 -10.32
N ARG B 370 1.36 30.03 -10.91
CA ARG B 370 0.43 31.16 -11.19
C ARG B 370 -0.74 31.15 -10.21
N ARG B 371 -1.37 29.98 -10.03
CA ARG B 371 -2.55 29.85 -9.13
C ARG B 371 -2.09 29.95 -7.68
N PRO B 372 -2.94 30.48 -6.79
CA PRO B 372 -2.72 30.36 -5.34
C PRO B 372 -2.71 28.90 -4.88
N VAL B 373 -2.04 28.62 -3.75
CA VAL B 373 -1.50 27.26 -3.42
C VAL B 373 -2.59 26.30 -2.86
N SER B 374 -3.65 26.73 -2.20
CA SER B 374 -4.75 25.79 -1.81
C SER B 374 -4.22 24.60 -0.99
N PHE B 375 -3.33 24.82 -0.04
CA PHE B 375 -2.72 23.76 0.81
C PHE B 375 -3.74 23.25 1.84
N GLU B 376 -4.47 24.15 2.49
CA GLU B 376 -5.41 23.80 3.59
C GLU B 376 -6.47 22.83 3.08
N PRO B 377 -7.14 23.10 1.94
CA PRO B 377 -8.19 22.19 1.45
C PRO B 377 -7.68 20.77 1.16
N VAL B 378 -6.47 20.63 0.62
CA VAL B 378 -5.94 19.27 0.31
C VAL B 378 -5.48 18.62 1.61
N VAL B 379 -5.18 19.41 2.65
CA VAL B 379 -4.90 18.87 4.01
C VAL B 379 -6.20 18.26 4.56
N ARG B 380 -7.31 18.97 4.39
CA ARG B 380 -8.64 18.53 4.88
C ARG B 380 -9.05 17.27 4.11
N ALA B 381 -8.79 17.26 2.80
CA ALA B 381 -9.14 16.14 1.89
C ALA B 381 -8.34 14.89 2.30
N LEU B 382 -7.07 15.11 2.63
CA LEU B 382 -6.17 14.03 3.11
C LEU B 382 -6.73 13.42 4.41
N PHE B 383 -7.21 14.23 5.35
CA PHE B 383 -7.91 13.72 6.55
C PHE B 383 -9.01 12.73 6.14
N ALA B 384 -9.85 13.13 5.20
CA ALA B 384 -11.13 12.45 4.89
C ALA B 384 -10.83 11.12 4.17
N ASP B 385 -9.69 11.06 3.47
CA ASP B 385 -9.18 9.84 2.77
C ASP B 385 -8.34 8.98 3.72
N GLY B 386 -8.20 9.37 5.00
CA GLY B 386 -7.67 8.54 6.10
C GLY B 386 -6.18 8.78 6.42
N PHE B 387 -5.65 9.97 6.10
CA PHE B 387 -4.23 10.32 6.37
C PHE B 387 -4.07 10.96 7.76
N ASP B 388 -3.24 10.32 8.59
CA ASP B 388 -3.07 10.56 10.05
C ASP B 388 -1.67 11.16 10.28
N VAL B 389 -0.74 10.92 9.36
CA VAL B 389 0.70 11.24 9.56
C VAL B 389 1.18 12.03 8.35
N PHE B 390 1.62 13.26 8.60
CA PHE B 390 2.16 14.22 7.61
C PHE B 390 3.64 14.43 7.87
N VAL B 391 4.50 13.88 7.03
CA VAL B 391 5.97 14.03 7.20
C VAL B 391 6.46 15.13 6.28
N GLU B 392 6.99 16.20 6.87
CA GLU B 392 7.56 17.32 6.09
C GLU B 392 9.05 17.07 5.84
N SER B 393 9.38 16.80 4.58
CA SER B 393 10.70 16.29 4.14
C SER B 393 11.60 17.51 3.89
N SER B 394 11.96 18.25 4.94
CA SER B 394 12.56 19.60 4.78
C SER B 394 13.64 19.83 5.83
N ALA B 395 14.34 20.96 5.71
CA ALA B 395 15.51 21.34 6.53
C ALA B 395 15.03 22.04 7.81
N HIS B 396 13.76 22.43 7.82
CA HIS B 396 13.06 23.10 8.96
C HIS B 396 11.56 23.06 8.71
N PRO B 397 10.70 22.77 9.74
CA PRO B 397 9.26 22.64 9.51
C PRO B 397 8.56 23.99 9.30
N VAL B 398 8.05 24.23 8.09
CA VAL B 398 7.36 25.52 7.77
C VAL B 398 5.87 25.30 7.55
N LEU B 399 5.44 24.07 7.25
CA LEU B 399 4.01 23.82 6.93
C LEU B 399 3.33 23.01 8.05
N THR B 400 4.10 22.52 9.02
CA THR B 400 3.55 21.67 10.11
C THR B 400 2.52 22.44 10.94
N TYR B 401 2.78 23.73 11.21
CA TYR B 401 1.86 24.54 12.07
C TYR B 401 0.49 24.66 11.42
N GLY B 402 0.43 24.88 10.10
CA GLY B 402 -0.85 25.00 9.40
C GLY B 402 -1.60 23.69 9.39
N ILE B 403 -0.88 22.58 9.21
CA ILE B 403 -1.50 21.22 9.25
C ILE B 403 -2.08 20.95 10.63
N SER B 404 -1.30 21.18 11.68
CA SER B 404 -1.74 21.04 13.08
C SER B 404 -2.96 21.93 13.35
N GLU B 405 -2.97 23.17 12.86
CA GLU B 405 -4.07 24.13 13.09
C GLU B 405 -5.33 23.64 12.37
N THR B 406 -5.16 23.10 11.17
CA THR B 406 -6.26 22.56 10.33
C THR B 406 -6.82 21.31 11.03
N ALA B 407 -5.96 20.42 11.52
CA ALA B 407 -6.34 19.23 12.33
C ALA B 407 -7.16 19.66 13.54
N GLU B 408 -6.70 20.68 14.27
CA GLU B 408 -7.39 21.14 15.50
C GLU B 408 -8.80 21.59 15.15
N ALA B 409 -8.95 22.38 14.08
CA ALA B 409 -10.22 23.00 13.66
C ALA B 409 -11.17 21.90 13.17
N ALA B 410 -10.65 20.84 12.55
CA ALA B 410 -11.43 19.68 12.07
C ALA B 410 -11.65 18.65 13.20
N GLY B 411 -11.05 18.84 14.37
CA GLY B 411 -11.14 17.88 15.49
C GLY B 411 -10.56 16.52 15.13
N ARG B 412 -9.46 16.51 14.37
CA ARG B 412 -8.71 15.27 14.01
C ARG B 412 -7.43 15.23 14.85
N GLU B 413 -7.13 14.07 15.44
CA GLU B 413 -5.79 13.70 15.97
C GLU B 413 -4.91 13.33 14.78
N VAL B 414 -3.84 14.08 14.55
CA VAL B 414 -2.84 13.76 13.48
C VAL B 414 -1.43 14.13 13.97
N LEU B 415 -0.40 13.55 13.34
CA LEU B 415 1.01 13.90 13.61
C LEU B 415 1.54 14.69 12.42
N ALA B 416 2.05 15.89 12.69
CA ALA B 416 2.78 16.73 11.73
C ALA B 416 4.25 16.80 12.15
N GLN B 417 5.07 15.93 11.56
CA GLN B 417 6.51 15.79 11.84
C GLN B 417 7.28 16.52 10.77
N GLY B 418 8.20 17.36 11.19
CA GLY B 418 9.32 17.82 10.36
C GLY B 418 10.38 16.75 10.33
N THR B 419 11.46 17.00 9.59
CA THR B 419 12.63 16.10 9.49
C THR B 419 13.84 16.77 10.16
N LEU B 420 14.37 17.84 9.57
CA LEU B 420 15.46 18.62 10.21
C LEU B 420 14.91 19.95 10.77
N ARG B 421 15.77 20.66 11.47
CA ARG B 421 15.53 22.00 12.04
C ARG B 421 16.81 22.81 11.84
N ARG B 422 16.67 24.13 11.90
CA ARG B 422 17.80 25.09 11.87
C ARG B 422 18.82 24.68 12.92
N GLU B 423 20.08 24.49 12.50
CA GLU B 423 21.28 24.25 13.36
C GLU B 423 21.24 22.83 13.96
N GLU B 424 20.34 21.98 13.47
CA GLU B 424 20.20 20.56 13.91
C GLU B 424 19.97 19.70 12.68
N GLY B 425 21.06 19.39 11.97
CA GLY B 425 20.99 18.83 10.61
C GLY B 425 21.34 17.37 10.63
N GLY B 426 21.50 16.82 11.84
CA GLY B 426 22.33 15.65 12.11
C GLY B 426 21.48 14.42 12.33
N LEU B 427 22.09 13.31 12.70
CA LEU B 427 21.36 12.05 12.97
C LEU B 427 20.55 12.18 14.26
N ALA B 428 21.02 13.01 15.20
CA ALA B 428 20.30 13.27 16.47
C ALA B 428 18.93 13.87 16.18
N ARG B 429 18.88 14.88 15.31
CA ARG B 429 17.58 15.41 14.84
C ARG B 429 16.80 14.31 14.13
N PHE B 430 17.41 13.64 13.15
CA PHE B 430 16.65 12.75 12.24
C PHE B 430 16.00 11.60 13.03
N TYR B 431 16.80 10.95 13.90
CA TYR B 431 16.32 9.90 14.85
C TYR B 431 15.19 10.46 15.70
N SER B 432 15.24 11.74 16.05
CA SER B 432 14.18 12.34 16.93
C SER B 432 12.87 12.45 16.15
N SER B 433 12.93 12.84 14.87
CA SER B 433 11.76 12.90 13.97
C SER B 433 11.24 11.49 13.65
N LEU B 434 12.13 10.52 13.43
CA LEU B 434 11.75 9.11 13.17
C LEU B 434 11.03 8.53 14.40
N ALA B 435 11.55 8.80 15.60
CA ALA B 435 10.88 8.41 16.86
C ALA B 435 9.50 9.07 16.93
N GLY B 436 9.39 10.32 16.49
CA GLY B 436 8.09 11.02 16.48
C GLY B 436 7.03 10.16 15.81
N VAL B 437 7.33 9.74 14.58
CA VAL B 437 6.48 8.90 13.71
C VAL B 437 6.29 7.54 14.38
N TRP B 438 7.34 6.92 14.91
CA TRP B 438 7.32 5.53 15.42
C TRP B 438 6.48 5.48 16.67
N THR B 439 6.65 6.46 17.56
CA THR B 439 5.98 6.43 18.89
C THR B 439 4.45 6.54 18.69
N ARG B 440 4.00 6.94 17.50
CA ARG B 440 2.55 7.15 17.23
C ARG B 440 2.02 6.03 16.35
N GLY B 441 2.86 5.06 15.98
CA GLY B 441 2.42 3.74 15.47
C GLY B 441 2.88 3.42 14.04
N VAL B 442 3.67 4.31 13.41
CA VAL B 442 4.27 4.03 12.08
C VAL B 442 5.41 3.01 12.25
N ASP B 443 5.54 2.06 11.33
CA ASP B 443 6.57 0.99 11.42
C ASP B 443 7.90 1.58 10.98
N VAL B 444 8.99 1.16 11.64
CA VAL B 444 10.37 1.68 11.45
C VAL B 444 11.38 0.53 11.57
N ASP B 445 12.33 0.45 10.65
CA ASP B 445 13.40 -0.59 10.65
C ASP B 445 14.57 -0.06 11.50
N TRP B 446 14.37 -0.01 12.81
CA TRP B 446 15.38 0.50 13.78
C TRP B 446 16.70 -0.26 13.62
N ALA B 447 16.62 -1.57 13.36
CA ALA B 447 17.80 -2.46 13.24
C ALA B 447 18.77 -1.90 12.20
N GLY B 448 18.27 -1.13 11.24
CA GLY B 448 19.08 -0.53 10.15
C GLY B 448 20.06 0.50 10.65
N ALA B 449 19.77 1.11 11.81
CA ALA B 449 20.59 2.15 12.46
C ALA B 449 21.95 1.57 12.87
N PHE B 450 22.04 0.24 12.97
CA PHE B 450 23.20 -0.45 13.59
C PHE B 450 23.98 -1.26 12.54
N ALA B 451 23.75 -1.00 11.25
CA ALA B 451 24.26 -1.83 10.13
C ALA B 451 25.79 -1.71 10.07
N GLY B 452 26.49 -2.85 9.98
CA GLY B 452 27.93 -2.96 9.73
C GLY B 452 28.78 -2.55 10.93
N ARG B 453 28.17 -2.43 12.11
CA ARG B 453 28.89 -2.09 13.35
C ARG B 453 29.36 -3.36 14.04
N GLY B 454 29.01 -4.54 13.49
CA GLY B 454 29.17 -5.84 14.16
C GLY B 454 28.64 -5.83 15.59
N ALA B 455 27.41 -5.34 15.77
CA ALA B 455 26.66 -5.47 17.04
C ALA B 455 26.04 -6.87 17.13
N ARG B 456 26.01 -7.43 18.34
CA ARG B 456 25.34 -8.71 18.65
C ARG B 456 24.14 -8.45 19.57
N VAL B 457 23.05 -9.16 19.38
CA VAL B 457 21.91 -9.13 20.34
C VAL B 457 22.43 -9.60 21.71
N VAL B 458 21.80 -9.18 22.79
CA VAL B 458 22.32 -9.39 24.18
C VAL B 458 21.15 -9.45 25.16
N ASP B 459 21.44 -9.80 26.42
CA ASP B 459 20.41 -10.12 27.44
C ASP B 459 19.94 -8.82 28.12
N LEU B 460 18.65 -8.51 27.98
CA LEU B 460 18.04 -7.28 28.54
C LEU B 460 17.20 -7.66 29.75
N PRO B 461 17.16 -6.82 30.80
CA PRO B 461 16.11 -6.95 31.81
C PRO B 461 14.72 -6.61 31.25
N THR B 462 13.78 -7.59 31.34
CA THR B 462 12.45 -7.61 30.66
C THR B 462 12.41 -6.53 29.57
#